data_6XD9
#
_entry.id   6XD9
#
_cell.length_a   62.778
_cell.length_b   82.628
_cell.length_c   104.997
_cell.angle_alpha   90.000
_cell.angle_beta   90.000
_cell.angle_gamma   90.000
#
_symmetry.space_group_name_H-M   'P 21 21 21'
#
loop_
_entity.id
_entity.type
_entity.pdbx_description
1 polymer 'Hemoglobin subunit alpha'
2 polymer 'Hemoglobin subunit beta'
3 non-polymer 'CARBON MONOXIDE'
4 non-polymer 'PROTOPORPHYRIN IX CONTAINING FE'
5 non-polymer 3-{[6-(hydroxymethyl)pyridin-2-yl]methoxy}-2-methylphenol
6 water water
#
loop_
_entity_poly.entity_id
_entity_poly.type
_entity_poly.pdbx_seq_one_letter_code
_entity_poly.pdbx_strand_id
1 'polypeptide(L)'
;VLSPADKTNVKAAWGKVGAHAGEYGAEALERMFLSFPTTKTYFPHFDLSHGSAQVKGHGKKVADALTNAVAHVDDMPNAL
SALSDLHAHKLRVDPVNFKLLSHCLLVTLAAHLPAEFTPAVHASLDKFLASVSTVLTSKYR
;
A,C
2 'polypeptide(L)'
;VHLTPEEKSAVTALWGKVNVDEVGGEALGRLLVVYPWTQRFFESFGDLSTPDAVMGNPKVKAHGKKVLGAFSDGLAHLDN
LKGTFATLSELHCDKLHVDPENFRLLGNVLVCVLAHHFGKEFTPPVQAAYQKVVAGVANALAHKYH
;
B,D
#
loop_
_chem_comp.id
_chem_comp.type
_chem_comp.name
_chem_comp.formula
CMO non-polymer 'CARBON MONOXIDE' 'C O'
HEM non-polymer 'PROTOPORPHYRIN IX CONTAINING FE' 'C34 H32 Fe N4 O4'
V39 non-polymer 3-{[6-(hydroxymethyl)pyridin-2-yl]methoxy}-2-methylphenol 'C14 H15 N O3'
#
# COMPACT_ATOMS: atom_id res chain seq x y z
N VAL A 1 9.69 -5.47 10.54
CA VAL A 1 10.58 -5.99 11.58
C VAL A 1 9.93 -7.16 12.29
N LEU A 2 10.58 -8.32 12.25
CA LEU A 2 10.04 -9.52 12.88
C LEU A 2 10.46 -9.66 14.33
N SER A 3 9.52 -10.09 15.16
CA SER A 3 9.81 -10.41 16.55
C SER A 3 10.52 -11.74 16.62
N PRO A 4 11.12 -12.08 17.77
CA PRO A 4 11.64 -13.42 17.97
C PRO A 4 10.56 -14.48 17.77
N ALA A 5 9.33 -14.17 18.17
CA ALA A 5 8.22 -15.09 18.00
C ALA A 5 7.86 -15.26 16.53
N ASP A 6 7.86 -14.16 15.78
CA ASP A 6 7.61 -14.20 14.35
C ASP A 6 8.55 -15.18 13.67
N LYS A 7 9.83 -15.08 14.00
CA LYS A 7 10.85 -15.94 13.41
C LYS A 7 10.59 -17.39 13.78
N THR A 8 10.25 -17.64 15.05
CA THR A 8 9.91 -18.99 15.49
C THR A 8 8.68 -19.52 14.75
N ASN A 9 7.64 -18.70 14.66
CA ASN A 9 6.41 -19.08 13.96
C ASN A 9 6.68 -19.43 12.49
N VAL A 10 7.51 -18.62 11.85
CA VAL A 10 7.81 -18.81 10.43
C VAL A 10 8.61 -20.09 10.19
N LYS A 11 9.62 -20.32 11.01
CA LYS A 11 10.46 -21.52 10.87
C LYS A 11 9.65 -22.79 11.09
N ALA A 12 8.83 -22.80 12.14
CA ALA A 12 8.00 -23.95 12.45
C ALA A 12 7.00 -24.22 11.33
N ALA A 13 6.32 -23.19 10.87
CA ALA A 13 5.30 -23.33 9.84
C ALA A 13 5.91 -23.76 8.51
N TRP A 14 6.99 -23.11 8.12
CA TRP A 14 7.63 -23.41 6.85
C TRP A 14 8.40 -24.73 6.92
N GLY A 15 8.77 -25.13 8.13
CA GLY A 15 9.44 -26.41 8.33
C GLY A 15 8.51 -27.58 8.07
N LYS A 16 7.21 -27.33 8.17
CA LYS A 16 6.20 -28.36 7.92
C LYS A 16 6.03 -28.61 6.43
N VAL A 17 6.36 -27.59 5.63
CA VAL A 17 6.29 -27.71 4.19
C VAL A 17 7.24 -28.79 3.69
N GLY A 18 8.51 -28.68 4.08
CA GLY A 18 9.51 -29.69 3.80
C GLY A 18 9.64 -30.10 2.35
N ALA A 19 9.20 -31.32 2.05
CA ALA A 19 9.33 -31.89 0.71
C ALA A 19 8.25 -31.37 -0.24
N HIS A 20 7.25 -30.69 0.30
CA HIS A 20 6.17 -30.13 -0.51
C HIS A 20 6.49 -28.73 -1.00
N ALA A 21 7.77 -28.36 -0.94
CA ALA A 21 8.23 -27.04 -1.35
C ALA A 21 7.82 -26.70 -2.78
N GLY A 22 8.27 -27.52 -3.73
CA GLY A 22 7.99 -27.30 -5.13
C GLY A 22 6.51 -27.30 -5.46
N GLU A 23 5.77 -28.21 -4.85
CA GLU A 23 4.33 -28.30 -5.07
C GLU A 23 3.61 -27.04 -4.59
N TYR A 24 3.93 -26.61 -3.37
CA TYR A 24 3.27 -25.44 -2.78
C TYR A 24 3.64 -24.16 -3.52
N GLY A 25 4.90 -24.05 -3.89
CA GLY A 25 5.37 -22.91 -4.67
C GLY A 25 4.67 -22.83 -6.02
N ALA A 26 4.61 -23.97 -6.71
CA ALA A 26 3.95 -24.03 -8.00
C ALA A 26 2.46 -23.70 -7.89
N GLU A 27 1.83 -24.26 -6.85
CA GLU A 27 0.41 -23.99 -6.61
C GLU A 27 0.16 -22.50 -6.37
N ALA A 28 1.04 -21.88 -5.59
CA ALA A 28 0.93 -20.46 -5.28
C ALA A 28 1.04 -19.61 -6.55
N LEU A 29 1.90 -20.03 -7.47
CA LEU A 29 2.05 -19.35 -8.74
C LEU A 29 0.78 -19.47 -9.57
N GLU A 30 0.25 -20.68 -9.66
CA GLU A 30 -0.96 -20.94 -10.42
C GLU A 30 -2.13 -20.13 -9.88
N ARG A 31 -2.20 -20.02 -8.55
CA ARG A 31 -3.23 -19.23 -7.90
C ARG A 31 -3.12 -17.77 -8.28
N MET A 32 -1.89 -17.26 -8.31
CA MET A 32 -1.66 -15.86 -8.66
C MET A 32 -2.03 -15.59 -10.13
N PHE A 33 -1.62 -16.51 -11.00
CA PHE A 33 -1.84 -16.35 -12.43
C PHE A 33 -3.32 -16.41 -12.80
N LEU A 34 -4.07 -17.25 -12.09
CA LEU A 34 -5.50 -17.40 -12.33
C LEU A 34 -6.34 -16.32 -11.66
N SER A 35 -5.99 -15.97 -10.42
CA SER A 35 -6.75 -14.97 -9.69
C SER A 35 -6.45 -13.57 -10.21
N PHE A 36 -5.18 -13.31 -10.54
CA PHE A 36 -4.75 -11.99 -10.96
C PHE A 36 -4.00 -12.08 -12.29
N PRO A 37 -4.76 -12.11 -13.40
CA PRO A 37 -4.24 -12.33 -14.76
C PRO A 37 -3.14 -11.37 -15.19
N THR A 38 -3.11 -10.16 -14.63
CA THR A 38 -2.13 -9.16 -15.05
C THR A 38 -0.72 -9.52 -14.60
N THR A 39 -0.60 -10.44 -13.64
CA THR A 39 0.70 -10.89 -13.16
C THR A 39 1.40 -11.73 -14.23
N LYS A 40 0.62 -12.26 -15.17
CA LYS A 40 1.17 -13.08 -16.25
C LYS A 40 2.05 -12.28 -17.20
N THR A 41 1.86 -10.96 -17.24
CA THR A 41 2.60 -10.11 -18.17
C THR A 41 4.09 -10.06 -17.83
N TYR A 42 4.46 -10.52 -16.64
CA TYR A 42 5.85 -10.61 -16.26
C TYR A 42 6.47 -11.92 -16.77
N PHE A 43 5.62 -12.82 -17.26
CA PHE A 43 6.08 -14.11 -17.76
C PHE A 43 5.65 -14.39 -19.19
N PRO A 44 5.95 -13.48 -20.14
CA PRO A 44 5.43 -13.66 -21.49
C PRO A 44 6.08 -14.84 -22.22
N HIS A 45 7.33 -15.14 -21.86
CA HIS A 45 8.07 -16.22 -22.51
C HIS A 45 7.77 -17.58 -21.87
N PHE A 46 6.98 -17.55 -20.79
CA PHE A 46 6.65 -18.75 -20.05
C PHE A 46 5.45 -19.50 -20.62
N ASP A 47 5.47 -20.82 -20.48
CA ASP A 47 4.27 -21.63 -20.64
C ASP A 47 3.46 -21.49 -19.37
N LEU A 48 2.31 -20.82 -19.45
CA LEU A 48 1.53 -20.51 -18.25
C LEU A 48 0.22 -21.30 -18.18
N SER A 49 0.05 -22.25 -19.09
CA SER A 49 -1.12 -23.14 -19.05
C SER A 49 -1.06 -23.98 -17.79
N HIS A 50 -2.22 -24.48 -17.35
CA HIS A 50 -2.26 -25.30 -16.14
C HIS A 50 -1.52 -26.61 -16.36
N GLY A 51 -0.71 -27.00 -15.37
CA GLY A 51 0.04 -28.24 -15.44
C GLY A 51 1.38 -28.01 -16.11
N SER A 52 1.69 -26.75 -16.41
CA SER A 52 2.95 -26.39 -17.06
C SER A 52 4.16 -26.89 -16.30
N ALA A 53 5.06 -27.55 -17.01
CA ALA A 53 6.32 -28.00 -16.42
C ALA A 53 7.19 -26.81 -16.05
N GLN A 54 7.03 -25.73 -16.80
CA GLN A 54 7.80 -24.52 -16.57
C GLN A 54 7.39 -23.84 -15.26
N VAL A 55 6.08 -23.70 -15.06
CA VAL A 55 5.57 -23.13 -13.82
C VAL A 55 5.90 -24.03 -12.63
N LYS A 56 5.80 -25.34 -12.85
CA LYS A 56 6.11 -26.32 -11.81
C LYS A 56 7.56 -26.17 -11.33
N GLY A 57 8.48 -26.08 -12.28
CA GLY A 57 9.90 -25.96 -11.96
C GLY A 57 10.23 -24.62 -11.36
N HIS A 58 9.51 -23.58 -11.77
CA HIS A 58 9.75 -22.24 -11.27
C HIS A 58 9.20 -22.10 -9.86
N GLY A 59 8.14 -22.84 -9.56
CA GLY A 59 7.57 -22.85 -8.23
C GLY A 59 8.55 -23.40 -7.23
N LYS A 60 9.36 -24.37 -7.67
CA LYS A 60 10.41 -24.94 -6.84
C LYS A 60 11.51 -23.92 -6.55
N LYS A 61 11.83 -23.11 -7.55
CA LYS A 61 12.83 -22.06 -7.39
C LYS A 61 12.39 -21.03 -6.36
N VAL A 62 11.13 -20.64 -6.43
CA VAL A 62 10.59 -19.64 -5.51
C VAL A 62 10.55 -20.19 -4.08
N ALA A 63 10.13 -21.45 -3.94
CA ALA A 63 10.07 -22.10 -2.64
C ALA A 63 11.45 -22.21 -1.98
N ASP A 64 12.46 -22.62 -2.76
CA ASP A 64 13.81 -22.75 -2.24
C ASP A 64 14.38 -21.41 -1.78
N ALA A 65 14.02 -20.36 -2.51
CA ALA A 65 14.44 -19.01 -2.15
C ALA A 65 13.84 -18.62 -0.81
N LEU A 66 12.56 -18.93 -0.63
CA LEU A 66 11.86 -18.67 0.62
C LEU A 66 12.51 -19.44 1.77
N THR A 67 12.82 -20.71 1.53
CA THR A 67 13.50 -21.54 2.52
C THR A 67 14.83 -20.92 2.92
N ASN A 68 15.55 -20.41 1.93
CA ASN A 68 16.81 -19.72 2.18
C ASN A 68 16.61 -18.44 2.97
N ALA A 69 15.52 -17.74 2.68
CA ALA A 69 15.18 -16.51 3.39
C ALA A 69 14.85 -16.78 4.85
N VAL A 70 14.18 -17.91 5.10
CA VAL A 70 13.88 -18.34 6.47
C VAL A 70 15.18 -18.61 7.22
N ALA A 71 16.14 -19.23 6.53
CA ALA A 71 17.43 -19.53 7.13
C ALA A 71 18.22 -18.26 7.47
N HIS A 72 18.08 -17.24 6.63
CA HIS A 72 18.77 -15.98 6.87
C HIS A 72 17.80 -14.84 7.17
N VAL A 73 16.85 -15.10 8.06
CA VAL A 73 15.82 -14.12 8.41
C VAL A 73 16.42 -12.87 9.06
N ASP A 74 17.61 -13.02 9.65
CA ASP A 74 18.28 -11.89 10.30
C ASP A 74 19.26 -11.20 9.34
N ASP A 75 19.43 -11.76 8.15
CA ASP A 75 20.38 -11.23 7.19
C ASP A 75 19.80 -11.25 5.77
N MET A 76 18.59 -10.72 5.61
CA MET A 76 17.90 -10.78 4.33
C MET A 76 18.55 -9.97 3.19
N PRO A 77 18.93 -8.69 3.45
CA PRO A 77 19.48 -7.92 2.33
C PRO A 77 20.73 -8.54 1.68
N ASN A 78 21.59 -9.16 2.47
CA ASN A 78 22.78 -9.80 1.90
C ASN A 78 22.45 -11.13 1.23
N ALA A 79 21.60 -11.91 1.88
CA ALA A 79 21.22 -13.21 1.37
C ALA A 79 20.32 -13.11 0.15
N LEU A 80 19.55 -12.03 0.07
CA LEU A 80 18.60 -11.87 -1.04
C LEU A 80 19.05 -10.81 -2.04
N SER A 81 20.29 -10.33 -1.89
CA SER A 81 20.84 -9.34 -2.81
C SER A 81 20.76 -9.82 -4.24
N ALA A 82 20.88 -11.14 -4.41
CA ALA A 82 20.80 -11.76 -5.72
C ALA A 82 19.43 -11.55 -6.35
N LEU A 83 18.38 -11.94 -5.62
CA LEU A 83 17.02 -11.86 -6.13
C LEU A 83 16.54 -10.41 -6.22
N SER A 84 17.16 -9.52 -5.45
CA SER A 84 16.82 -8.11 -5.48
C SER A 84 17.26 -7.47 -6.79
N ASP A 85 18.48 -7.77 -7.22
CA ASP A 85 18.99 -7.25 -8.48
C ASP A 85 18.11 -7.74 -9.64
N LEU A 86 17.62 -8.97 -9.53
CA LEU A 86 16.73 -9.51 -10.56
C LEU A 86 15.37 -8.82 -10.55
N HIS A 87 14.73 -8.74 -9.39
CA HIS A 87 13.35 -8.25 -9.31
C HIS A 87 13.26 -6.72 -9.28
N ALA A 88 14.24 -6.05 -8.70
CA ALA A 88 14.20 -4.59 -8.60
C ALA A 88 14.93 -3.91 -9.75
N HIS A 89 16.15 -4.35 -10.06
CA HIS A 89 16.95 -3.70 -11.09
C HIS A 89 16.58 -4.14 -12.50
N LYS A 90 16.49 -5.45 -12.73
CA LYS A 90 16.26 -5.96 -14.08
C LYS A 90 14.78 -6.06 -14.46
N LEU A 91 14.01 -6.76 -13.62
CA LEU A 91 12.59 -6.98 -13.90
C LEU A 91 11.73 -5.75 -13.58
N ARG A 92 12.14 -5.01 -12.55
CA ARG A 92 11.41 -3.83 -12.10
C ARG A 92 9.94 -4.15 -11.83
N VAL A 93 9.71 -5.17 -11.01
CA VAL A 93 8.36 -5.60 -10.68
C VAL A 93 7.65 -4.61 -9.76
N ASP A 94 6.41 -4.28 -10.09
CA ASP A 94 5.58 -3.43 -9.25
C ASP A 94 5.29 -4.14 -7.93
N PRO A 95 5.60 -3.49 -6.80
CA PRO A 95 5.41 -4.02 -5.44
C PRO A 95 4.03 -4.60 -5.18
N VAL A 96 3.01 -4.13 -5.90
CA VAL A 96 1.66 -4.65 -5.73
C VAL A 96 1.60 -6.14 -6.09
N ASN A 97 2.44 -6.56 -7.03
CA ASN A 97 2.44 -7.95 -7.49
C ASN A 97 3.02 -8.88 -6.43
N PHE A 98 3.91 -8.35 -5.61
CA PHE A 98 4.47 -9.11 -4.50
C PHE A 98 3.41 -9.35 -3.42
N LYS A 99 2.52 -8.38 -3.25
CA LYS A 99 1.40 -8.52 -2.32
C LYS A 99 0.46 -9.64 -2.78
N LEU A 100 0.24 -9.71 -4.08
CA LEU A 100 -0.66 -10.71 -4.64
C LEU A 100 -0.10 -12.12 -4.45
N LEU A 101 1.19 -12.29 -4.75
CA LEU A 101 1.83 -13.58 -4.59
C LEU A 101 1.90 -14.00 -3.12
N SER A 102 2.27 -13.07 -2.26
CA SER A 102 2.29 -13.32 -0.82
C SER A 102 0.95 -13.82 -0.32
N HIS A 103 -0.12 -13.17 -0.78
CA HIS A 103 -1.49 -13.58 -0.45
C HIS A 103 -1.77 -15.00 -0.92
N CYS A 104 -1.33 -15.32 -2.13
CA CYS A 104 -1.55 -16.64 -2.70
C CYS A 104 -0.70 -17.71 -2.02
N LEU A 105 0.43 -17.30 -1.46
CA LEU A 105 1.26 -18.21 -0.66
C LEU A 105 0.54 -18.53 0.64
N LEU A 106 -0.03 -17.51 1.28
CA LEU A 106 -0.80 -17.69 2.50
C LEU A 106 -1.99 -18.62 2.28
N VAL A 107 -2.69 -18.43 1.16
CA VAL A 107 -3.84 -19.25 0.82
C VAL A 107 -3.43 -20.71 0.66
N THR A 108 -2.30 -20.93 -0.01
CA THR A 108 -1.77 -22.27 -0.22
C THR A 108 -1.43 -22.97 1.10
N LEU A 109 -0.77 -22.24 1.99
CA LEU A 109 -0.40 -22.77 3.30
C LEU A 109 -1.64 -23.09 4.14
N ALA A 110 -2.63 -22.21 4.07
CA ALA A 110 -3.88 -22.41 4.80
C ALA A 110 -4.61 -23.66 4.30
N ALA A 111 -4.52 -23.89 2.99
CA ALA A 111 -5.21 -25.00 2.35
C ALA A 111 -4.53 -26.33 2.66
N HIS A 112 -3.22 -26.30 2.86
CA HIS A 112 -2.45 -27.53 3.05
C HIS A 112 -2.05 -27.77 4.51
N LEU A 113 -1.99 -26.71 5.30
CA LEU A 113 -1.54 -26.83 6.67
C LEU A 113 -2.45 -26.11 7.66
N PRO A 114 -3.71 -26.57 7.77
CA PRO A 114 -4.70 -25.89 8.61
C PRO A 114 -4.31 -25.83 10.09
N ALA A 115 -3.61 -26.84 10.58
CA ALA A 115 -3.19 -26.87 11.98
C ALA A 115 -2.10 -25.84 12.26
N GLU A 116 -1.27 -25.56 11.26
CA GLU A 116 -0.18 -24.60 11.41
C GLU A 116 -0.67 -23.17 11.27
N PHE A 117 -1.66 -22.97 10.43
CA PHE A 117 -2.14 -21.64 10.05
C PHE A 117 -3.02 -21.01 11.11
N THR A 118 -2.44 -20.74 12.28
CA THR A 118 -3.16 -20.04 13.35
C THR A 118 -3.12 -18.54 13.08
N PRO A 119 -4.00 -17.76 13.73
CA PRO A 119 -3.98 -16.30 13.56
C PRO A 119 -2.61 -15.67 13.80
N ALA A 120 -1.92 -16.10 14.86
CA ALA A 120 -0.59 -15.56 15.17
C ALA A 120 0.43 -15.90 14.08
N VAL A 121 0.42 -17.16 13.65
CA VAL A 121 1.33 -17.63 12.60
C VAL A 121 0.99 -16.97 11.27
N HIS A 122 -0.30 -16.82 11.01
CA HIS A 122 -0.81 -16.07 9.87
C HIS A 122 -0.16 -14.68 9.83
N ALA A 123 -0.18 -14.01 10.96
CA ALA A 123 0.38 -12.66 11.07
C ALA A 123 1.89 -12.68 10.80
N SER A 124 2.59 -13.63 11.41
CA SER A 124 4.03 -13.72 11.27
C SER A 124 4.42 -14.03 9.82
N LEU A 125 3.70 -14.97 9.20
CA LEU A 125 3.97 -15.33 7.81
C LEU A 125 3.75 -14.14 6.88
N ASP A 126 2.71 -13.36 7.15
CA ASP A 126 2.42 -12.19 6.34
C ASP A 126 3.53 -11.15 6.45
N LYS A 127 4.02 -10.95 7.65
CA LYS A 127 5.11 -10.00 7.88
C LYS A 127 6.40 -10.49 7.22
N PHE A 128 6.63 -11.80 7.26
CA PHE A 128 7.81 -12.39 6.64
C PHE A 128 7.81 -12.20 5.13
N LEU A 129 6.68 -12.49 4.49
CA LEU A 129 6.55 -12.33 3.05
C LEU A 129 6.61 -10.85 2.66
N ALA A 130 6.06 -9.99 3.52
CA ALA A 130 6.15 -8.55 3.31
C ALA A 130 7.60 -8.08 3.38
N SER A 131 8.37 -8.68 4.28
CA SER A 131 9.78 -8.34 4.44
C SER A 131 10.58 -8.74 3.19
N VAL A 132 10.41 -9.99 2.77
CA VAL A 132 11.05 -10.49 1.56
C VAL A 132 10.70 -9.63 0.36
N SER A 133 9.43 -9.21 0.29
CA SER A 133 8.95 -8.37 -0.81
C SER A 133 9.66 -7.02 -0.83
N THR A 134 9.81 -6.41 0.33
CA THR A 134 10.47 -5.11 0.44
C THR A 134 11.91 -5.17 -0.06
N VAL A 135 12.61 -6.24 0.30
CA VAL A 135 14.00 -6.41 -0.10
C VAL A 135 14.13 -6.61 -1.61
N LEU A 136 13.23 -7.40 -2.19
CA LEU A 136 13.31 -7.71 -3.62
C LEU A 136 12.87 -6.54 -4.50
N THR A 137 12.20 -5.55 -3.92
CA THR A 137 11.74 -4.41 -4.68
C THR A 137 12.56 -3.16 -4.39
N SER A 138 13.58 -3.29 -3.55
CA SER A 138 14.44 -2.18 -3.20
C SER A 138 15.77 -2.24 -3.94
N LYS A 139 16.16 -1.13 -4.57
CA LYS A 139 17.47 -1.01 -5.18
C LYS A 139 18.46 -0.47 -4.16
N TYR A 140 19.23 -1.36 -3.55
CA TYR A 140 20.11 -0.95 -2.45
C TYR A 140 21.58 -1.29 -2.68
N ARG A 141 21.95 -1.56 -3.92
CA ARG A 141 23.36 -1.77 -4.24
C ARG A 141 23.90 -0.61 -5.05
N VAL B 1 -19.76 -7.61 -10.88
CA VAL B 1 -18.67 -8.48 -11.32
C VAL B 1 -19.14 -9.46 -12.38
N HIS B 2 -18.19 -10.06 -13.10
CA HIS B 2 -18.52 -10.96 -14.19
C HIS B 2 -18.01 -12.37 -13.94
N LEU B 3 -18.91 -13.28 -13.57
CA LEU B 3 -18.56 -14.67 -13.40
C LEU B 3 -19.08 -15.51 -14.56
N THR B 4 -18.31 -16.53 -14.94
CA THR B 4 -18.80 -17.51 -15.91
C THR B 4 -19.86 -18.37 -15.22
N PRO B 5 -20.73 -19.04 -16.01
CA PRO B 5 -21.72 -19.92 -15.40
C PRO B 5 -21.09 -21.04 -14.55
N GLU B 6 -19.91 -21.52 -14.96
CA GLU B 6 -19.21 -22.55 -14.22
C GLU B 6 -18.66 -21.98 -12.90
N GLU B 7 -18.19 -20.75 -12.95
CA GLU B 7 -17.69 -20.07 -11.76
C GLU B 7 -18.79 -19.80 -10.74
N LYS B 8 -19.94 -19.36 -11.23
CA LYS B 8 -21.07 -19.06 -10.36
C LYS B 8 -21.54 -20.31 -9.63
N SER B 9 -21.53 -21.43 -10.35
CA SER B 9 -21.92 -22.72 -9.79
C SER B 9 -20.97 -23.15 -8.67
N ALA B 10 -19.67 -23.00 -8.93
CA ALA B 10 -18.64 -23.38 -7.97
C ALA B 10 -18.67 -22.49 -6.73
N VAL B 11 -18.90 -21.20 -6.93
CA VAL B 11 -19.01 -20.25 -5.82
C VAL B 11 -20.20 -20.58 -4.94
N THR B 12 -21.36 -20.75 -5.57
CA THR B 12 -22.60 -21.07 -4.87
C THR B 12 -22.48 -22.38 -4.08
N ALA B 13 -21.90 -23.38 -4.72
CA ALA B 13 -21.74 -24.69 -4.11
C ALA B 13 -20.91 -24.62 -2.83
N LEU B 14 -19.79 -23.89 -2.90
CA LEU B 14 -18.90 -23.78 -1.75
C LEU B 14 -19.54 -22.95 -0.63
N TRP B 15 -20.19 -21.86 -1.01
CA TRP B 15 -20.79 -20.94 -0.06
C TRP B 15 -21.93 -21.58 0.73
N GLY B 16 -22.61 -22.54 0.11
CA GLY B 16 -23.68 -23.25 0.76
C GLY B 16 -23.20 -24.15 1.87
N LYS B 17 -21.89 -24.40 1.89
CA LYS B 17 -21.29 -25.26 2.90
C LYS B 17 -20.60 -24.45 4.00
N VAL B 18 -20.62 -23.13 3.86
CA VAL B 18 -19.94 -22.24 4.80
C VAL B 18 -20.61 -22.20 6.16
N ASN B 19 -19.83 -22.47 7.21
CA ASN B 19 -20.31 -22.34 8.58
C ASN B 19 -20.59 -20.88 8.91
N VAL B 20 -21.86 -20.49 8.87
CA VAL B 20 -22.24 -19.08 8.98
C VAL B 20 -22.09 -18.55 10.40
N ASP B 21 -21.83 -19.45 11.34
CA ASP B 21 -21.68 -19.05 12.74
C ASP B 21 -20.23 -18.70 13.08
N GLU B 22 -19.28 -19.20 12.28
CA GLU B 22 -17.87 -19.09 12.63
C GLU B 22 -17.00 -18.39 11.59
N VAL B 23 -17.23 -18.68 10.31
CA VAL B 23 -16.38 -18.19 9.23
C VAL B 23 -16.21 -16.67 9.24
N GLY B 24 -17.32 -15.95 9.39
CA GLY B 24 -17.28 -14.50 9.46
C GLY B 24 -16.47 -14.00 10.64
N GLY B 25 -16.69 -14.60 11.81
CA GLY B 25 -15.96 -14.23 13.00
C GLY B 25 -14.47 -14.47 12.89
N GLU B 26 -14.09 -15.56 12.24
CA GLU B 26 -12.68 -15.87 12.03
C GLU B 26 -12.05 -14.91 11.03
N ALA B 27 -12.83 -14.47 10.06
CA ALA B 27 -12.36 -13.51 9.07
C ALA B 27 -12.11 -12.15 9.72
N LEU B 28 -13.09 -11.64 10.45
CA LEU B 28 -12.95 -10.36 11.11
C LEU B 28 -11.86 -10.45 12.16
N GLY B 29 -11.79 -11.60 12.82
CA GLY B 29 -10.80 -11.85 13.85
C GLY B 29 -9.38 -11.76 13.32
N ARG B 30 -9.11 -12.51 12.26
CA ARG B 30 -7.77 -12.53 11.68
C ARG B 30 -7.36 -11.16 11.16
N LEU B 31 -8.34 -10.38 10.70
CA LEU B 31 -8.08 -9.00 10.30
C LEU B 31 -7.52 -8.19 11.47
N LEU B 32 -8.17 -8.29 12.61
CA LEU B 32 -7.79 -7.52 13.79
C LEU B 32 -6.43 -7.96 14.36
N VAL B 33 -6.06 -9.21 14.12
CA VAL B 33 -4.78 -9.74 14.58
C VAL B 33 -3.65 -9.47 13.60
N VAL B 34 -3.87 -9.78 12.32
CA VAL B 34 -2.84 -9.60 11.30
C VAL B 34 -2.61 -8.11 11.00
N TYR B 35 -3.68 -7.33 11.06
CA TYR B 35 -3.60 -5.89 10.84
C TYR B 35 -4.14 -5.12 12.04
N PRO B 36 -3.35 -5.07 13.13
CA PRO B 36 -3.80 -4.60 14.46
C PRO B 36 -4.38 -3.19 14.47
N TRP B 37 -4.02 -2.36 13.50
CA TRP B 37 -4.55 -1.00 13.45
C TRP B 37 -6.06 -0.99 13.20
N THR B 38 -6.59 -2.09 12.67
CA THR B 38 -8.02 -2.18 12.41
C THR B 38 -8.81 -2.31 13.71
N GLN B 39 -8.11 -2.60 14.80
CA GLN B 39 -8.74 -2.71 16.12
C GLN B 39 -9.28 -1.38 16.62
N ARG B 40 -8.73 -0.28 16.09
CA ARG B 40 -9.13 1.06 16.52
C ARG B 40 -10.61 1.34 16.23
N PHE B 41 -11.15 0.69 15.20
CA PHE B 41 -12.54 0.89 14.83
C PHE B 41 -13.49 0.14 15.76
N PHE B 42 -12.94 -0.78 16.55
CA PHE B 42 -13.77 -1.61 17.44
C PHE B 42 -13.37 -1.48 18.90
N GLU B 43 -13.32 -0.25 19.40
CA GLU B 43 -12.95 -0.01 20.78
C GLU B 43 -13.97 -0.59 21.75
N SER B 44 -15.25 -0.50 21.39
CA SER B 44 -16.33 -0.94 22.27
C SER B 44 -16.53 -2.45 22.25
N PHE B 45 -15.61 -3.19 21.62
CA PHE B 45 -15.77 -4.64 21.50
C PHE B 45 -15.07 -5.38 22.63
N GLY B 46 -14.64 -4.64 23.65
CA GLY B 46 -14.02 -5.25 24.81
C GLY B 46 -12.60 -5.71 24.57
N ASP B 47 -12.31 -6.93 24.99
CA ASP B 47 -10.94 -7.44 25.03
C ASP B 47 -10.43 -7.87 23.65
N LEU B 48 -9.42 -7.15 23.16
CA LEU B 48 -8.75 -7.48 21.91
C LEU B 48 -7.24 -7.51 22.11
N SER B 49 -6.82 -7.69 23.36
CA SER B 49 -5.41 -7.56 23.74
C SER B 49 -4.53 -8.68 23.20
N THR B 50 -5.10 -9.87 23.04
CA THR B 50 -4.35 -11.02 22.53
C THR B 50 -5.10 -11.67 21.37
N PRO B 51 -4.38 -12.40 20.50
CA PRO B 51 -5.01 -13.16 19.42
C PRO B 51 -6.15 -14.05 19.92
N ASP B 52 -5.90 -14.83 20.98
CA ASP B 52 -6.92 -15.70 21.55
C ASP B 52 -8.14 -14.90 22.01
N ALA B 53 -7.88 -13.75 22.62
CA ALA B 53 -8.95 -12.89 23.08
C ALA B 53 -9.80 -12.38 21.92
N VAL B 54 -9.14 -12.08 20.80
CA VAL B 54 -9.86 -11.58 19.62
C VAL B 54 -10.74 -12.67 19.00
N MET B 55 -10.15 -13.85 18.77
CA MET B 55 -10.89 -14.94 18.14
C MET B 55 -12.09 -15.37 18.99
N GLY B 56 -11.88 -15.46 20.29
CA GLY B 56 -12.92 -15.91 21.20
C GLY B 56 -13.95 -14.87 21.58
N ASN B 57 -13.68 -13.61 21.23
CA ASN B 57 -14.55 -12.51 21.60
C ASN B 57 -15.94 -12.64 20.98
N PRO B 58 -16.98 -12.75 21.83
CA PRO B 58 -18.37 -12.89 21.38
C PRO B 58 -18.82 -11.74 20.48
N LYS B 59 -18.39 -10.52 20.77
CA LYS B 59 -18.75 -9.38 19.95
C LYS B 59 -18.09 -9.44 18.58
N VAL B 60 -16.88 -10.01 18.55
CA VAL B 60 -16.18 -10.21 17.28
C VAL B 60 -16.88 -11.29 16.46
N LYS B 61 -17.25 -12.39 17.11
CA LYS B 61 -17.97 -13.45 16.44
C LYS B 61 -19.33 -12.97 15.93
N ALA B 62 -20.03 -12.22 16.77
CA ALA B 62 -21.34 -11.69 16.39
C ALA B 62 -21.23 -10.73 15.20
N HIS B 63 -20.32 -9.76 15.30
CA HIS B 63 -20.17 -8.78 14.22
C HIS B 63 -19.68 -9.43 12.94
N GLY B 64 -18.78 -10.40 13.06
CA GLY B 64 -18.26 -11.12 11.91
C GLY B 64 -19.37 -11.85 11.16
N LYS B 65 -20.38 -12.27 11.89
CA LYS B 65 -21.53 -12.94 11.30
C LYS B 65 -22.32 -11.96 10.43
N LYS B 66 -22.36 -10.70 10.84
CA LYS B 66 -23.00 -9.66 10.05
C LYS B 66 -22.20 -9.36 8.79
N VAL B 67 -20.88 -9.38 8.91
CA VAL B 67 -20.01 -9.19 7.76
C VAL B 67 -20.25 -10.29 6.73
N LEU B 68 -20.30 -11.53 7.20
CA LEU B 68 -20.55 -12.68 6.34
C LEU B 68 -21.90 -12.56 5.66
N GLY B 69 -22.89 -12.09 6.41
CA GLY B 69 -24.23 -11.89 5.88
C GLY B 69 -24.27 -10.83 4.81
N ALA B 70 -23.35 -9.87 4.89
CA ALA B 70 -23.23 -8.84 3.87
C ALA B 70 -22.68 -9.43 2.58
N PHE B 71 -21.68 -10.31 2.71
CA PHE B 71 -21.12 -11.01 1.55
C PHE B 71 -22.15 -11.92 0.90
N SER B 72 -23.01 -12.53 1.72
CA SER B 72 -24.09 -13.38 1.21
C SER B 72 -25.06 -12.57 0.36
N ASP B 73 -25.37 -11.37 0.81
CA ASP B 73 -26.26 -10.47 0.06
C ASP B 73 -25.57 -10.03 -1.22
N GLY B 74 -24.27 -9.84 -1.17
CA GLY B 74 -23.48 -9.49 -2.33
C GLY B 74 -23.52 -10.60 -3.37
N LEU B 75 -23.38 -11.83 -2.93
CA LEU B 75 -23.42 -12.98 -3.84
C LEU B 75 -24.78 -13.15 -4.50
N ALA B 76 -25.83 -12.77 -3.78
CA ALA B 76 -27.18 -12.90 -4.28
C ALA B 76 -27.58 -11.73 -5.19
N HIS B 77 -26.72 -10.72 -5.25
CA HIS B 77 -27.00 -9.54 -6.07
C HIS B 77 -25.74 -9.02 -6.76
N LEU B 78 -25.01 -9.91 -7.43
CA LEU B 78 -23.75 -9.55 -8.08
C LEU B 78 -23.93 -8.52 -9.19
N ASP B 79 -25.12 -8.48 -9.77
CA ASP B 79 -25.41 -7.54 -10.85
C ASP B 79 -25.60 -6.12 -10.34
N ASN B 80 -25.79 -5.97 -9.03
CA ASN B 80 -25.95 -4.66 -8.43
C ASN B 80 -25.31 -4.58 -7.04
N LEU B 81 -23.99 -4.65 -7.00
CA LEU B 81 -23.26 -4.58 -5.74
C LEU B 81 -23.24 -3.16 -5.19
N LYS B 82 -23.32 -2.19 -6.08
CA LYS B 82 -23.26 -0.78 -5.71
C LYS B 82 -24.51 -0.37 -4.96
N GLY B 83 -25.66 -0.81 -5.45
CA GLY B 83 -26.93 -0.50 -4.81
C GLY B 83 -27.16 -1.34 -3.57
N THR B 84 -26.62 -2.55 -3.58
CA THR B 84 -26.75 -3.46 -2.44
C THR B 84 -25.98 -2.96 -1.23
N PHE B 85 -24.80 -2.38 -1.47
CA PHE B 85 -23.94 -1.92 -0.39
C PHE B 85 -23.94 -0.40 -0.25
N ALA B 86 -24.97 0.27 -0.79
CA ALA B 86 -25.06 1.72 -0.72
C ALA B 86 -25.11 2.21 0.72
N THR B 87 -25.94 1.56 1.54
CA THR B 87 -26.07 1.91 2.94
C THR B 87 -24.76 1.69 3.70
N LEU B 88 -24.15 0.52 3.48
CA LEU B 88 -22.90 0.17 4.15
C LEU B 88 -21.75 1.07 3.73
N SER B 89 -21.74 1.47 2.45
CA SER B 89 -20.70 2.35 1.94
C SER B 89 -20.76 3.72 2.61
N GLU B 90 -21.97 4.25 2.75
CA GLU B 90 -22.18 5.52 3.43
C GLU B 90 -21.72 5.45 4.88
N LEU B 91 -21.84 4.26 5.48
CA LEU B 91 -21.41 4.06 6.85
C LEU B 91 -19.89 3.97 6.95
N HIS B 92 -19.29 3.09 6.15
CA HIS B 92 -17.86 2.84 6.24
C HIS B 92 -17.02 4.01 5.70
N CYS B 93 -17.59 4.81 4.79
CA CYS B 93 -16.84 5.91 4.19
C CYS B 93 -17.12 7.26 4.84
N ASP B 94 -18.37 7.71 4.81
CA ASP B 94 -18.72 9.03 5.30
C ASP B 94 -18.62 9.15 6.82
N LYS B 95 -18.93 8.06 7.53
CA LYS B 95 -18.94 8.07 8.98
C LYS B 95 -17.65 7.55 9.58
N LEU B 96 -17.36 6.28 9.33
CA LEU B 96 -16.22 5.61 9.94
C LEU B 96 -14.88 6.02 9.32
N HIS B 97 -14.93 6.52 8.09
CA HIS B 97 -13.74 6.92 7.34
C HIS B 97 -12.68 5.82 7.30
N VAL B 98 -13.13 4.61 7.00
CA VAL B 98 -12.23 3.47 6.84
C VAL B 98 -11.47 3.59 5.52
N ASP B 99 -10.17 3.34 5.56
CA ASP B 99 -9.36 3.40 4.35
C ASP B 99 -9.70 2.23 3.43
N PRO B 100 -9.90 2.52 2.14
CA PRO B 100 -10.30 1.52 1.13
C PRO B 100 -9.37 0.30 1.07
N GLU B 101 -8.11 0.48 1.45
CA GLU B 101 -7.15 -0.61 1.47
C GLU B 101 -7.60 -1.69 2.46
N ASN B 102 -8.14 -1.26 3.60
CA ASN B 102 -8.61 -2.18 4.61
C ASN B 102 -9.77 -3.06 4.13
N PHE B 103 -10.57 -2.53 3.21
CA PHE B 103 -11.64 -3.29 2.58
C PHE B 103 -11.07 -4.48 1.81
N ARG B 104 -9.98 -4.22 1.08
CA ARG B 104 -9.31 -5.26 0.30
C ARG B 104 -8.67 -6.30 1.20
N LEU B 105 -8.09 -5.83 2.31
CA LEU B 105 -7.45 -6.73 3.26
C LEU B 105 -8.44 -7.74 3.82
N LEU B 106 -9.62 -7.26 4.22
CA LEU B 106 -10.66 -8.13 4.79
C LEU B 106 -11.15 -9.14 3.76
N GLY B 107 -11.34 -8.69 2.53
CA GLY B 107 -11.77 -9.57 1.46
C GLY B 107 -10.79 -10.70 1.26
N ASN B 108 -9.51 -10.36 1.27
CA ASN B 108 -8.46 -11.37 1.11
C ASN B 108 -8.32 -12.25 2.35
N VAL B 109 -8.58 -11.68 3.53
CA VAL B 109 -8.56 -12.47 4.75
C VAL B 109 -9.67 -13.53 4.70
N LEU B 110 -10.84 -13.13 4.23
CA LEU B 110 -11.94 -14.06 4.04
C LEU B 110 -11.53 -15.22 3.13
N VAL B 111 -10.84 -14.89 2.05
CA VAL B 111 -10.34 -15.91 1.12
C VAL B 111 -9.44 -16.91 1.84
N CYS B 112 -8.55 -16.40 2.70
CA CYS B 112 -7.68 -17.25 3.50
C CYS B 112 -8.47 -18.19 4.42
N VAL B 113 -9.53 -17.65 5.03
CA VAL B 113 -10.38 -18.43 5.93
C VAL B 113 -11.11 -19.54 5.16
N LEU B 114 -11.62 -19.19 3.97
CA LEU B 114 -12.28 -20.18 3.12
C LEU B 114 -11.31 -21.30 2.74
N ALA B 115 -10.09 -20.92 2.39
CA ALA B 115 -9.05 -21.89 2.08
C ALA B 115 -8.74 -22.74 3.31
N HIS B 116 -8.73 -22.09 4.46
CA HIS B 116 -8.45 -22.77 5.72
C HIS B 116 -9.51 -23.83 6.02
N HIS B 117 -10.77 -23.47 5.79
CA HIS B 117 -11.90 -24.34 6.13
C HIS B 117 -12.12 -25.48 5.13
N PHE B 118 -11.84 -25.25 3.86
CA PHE B 118 -12.20 -26.22 2.83
C PHE B 118 -11.01 -26.96 2.24
N GLY B 119 -9.80 -26.54 2.60
CA GLY B 119 -8.59 -27.20 2.16
C GLY B 119 -8.46 -27.32 0.64
N LYS B 120 -8.29 -28.55 0.17
CA LYS B 120 -8.06 -28.80 -1.25
C LYS B 120 -9.29 -28.50 -2.11
N GLU B 121 -10.45 -28.41 -1.48
CA GLU B 121 -11.68 -28.08 -2.19
C GLU B 121 -11.66 -26.62 -2.65
N PHE B 122 -10.89 -25.79 -1.96
CA PHE B 122 -10.70 -24.40 -2.37
C PHE B 122 -9.59 -24.33 -3.43
N THR B 123 -9.92 -24.81 -4.62
CA THR B 123 -8.96 -24.89 -5.72
C THR B 123 -8.59 -23.50 -6.27
N PRO B 124 -7.46 -23.41 -6.99
CA PRO B 124 -7.11 -22.12 -7.61
C PRO B 124 -8.20 -21.52 -8.51
N PRO B 125 -8.92 -22.33 -9.32
CA PRO B 125 -10.03 -21.71 -10.04
C PRO B 125 -11.14 -21.22 -9.12
N VAL B 126 -11.39 -21.95 -8.03
CA VAL B 126 -12.39 -21.54 -7.05
C VAL B 126 -11.96 -20.23 -6.39
N GLN B 127 -10.68 -20.13 -6.06
CA GLN B 127 -10.14 -18.90 -5.50
C GLN B 127 -10.29 -17.74 -6.49
N ALA B 128 -9.99 -18.02 -7.75
CA ALA B 128 -10.05 -17.02 -8.81
C ALA B 128 -11.45 -16.38 -8.89
N ALA B 129 -12.48 -17.21 -8.76
CA ALA B 129 -13.84 -16.73 -8.78
C ALA B 129 -14.16 -15.89 -7.54
N TYR B 130 -13.68 -16.33 -6.38
CA TYR B 130 -13.91 -15.60 -5.15
C TYR B 130 -13.12 -14.30 -5.09
N GLN B 131 -12.00 -14.23 -5.81
CA GLN B 131 -11.24 -12.99 -5.83
C GLN B 131 -12.01 -11.93 -6.60
N LYS B 132 -12.73 -12.35 -7.64
CA LYS B 132 -13.60 -11.45 -8.38
C LYS B 132 -14.71 -10.89 -7.49
N VAL B 133 -15.27 -11.77 -6.65
CA VAL B 133 -16.36 -11.37 -5.75
C VAL B 133 -15.90 -10.39 -4.68
N VAL B 134 -14.80 -10.70 -4.00
CA VAL B 134 -14.33 -9.85 -2.91
C VAL B 134 -13.85 -8.50 -3.43
N ALA B 135 -13.27 -8.49 -4.63
CA ALA B 135 -12.85 -7.23 -5.26
C ALA B 135 -14.08 -6.38 -5.54
N GLY B 136 -15.15 -7.02 -6.01
CA GLY B 136 -16.40 -6.34 -6.27
C GLY B 136 -17.06 -5.81 -5.02
N VAL B 137 -16.99 -6.59 -3.94
CA VAL B 137 -17.57 -6.17 -2.66
C VAL B 137 -16.81 -5.00 -2.07
N ALA B 138 -15.48 -5.13 -2.02
CA ALA B 138 -14.62 -4.07 -1.47
C ALA B 138 -14.77 -2.79 -2.27
N ASN B 139 -14.97 -2.93 -3.59
CA ASN B 139 -15.16 -1.78 -4.46
C ASN B 139 -16.53 -1.15 -4.24
N ALA B 140 -17.51 -1.98 -3.90
CA ALA B 140 -18.86 -1.50 -3.63
C ALA B 140 -18.91 -0.71 -2.33
N LEU B 141 -18.10 -1.10 -1.36
CA LEU B 141 -18.08 -0.43 -0.07
C LEU B 141 -17.37 0.93 -0.15
N ALA B 142 -16.42 1.05 -1.06
CA ALA B 142 -15.67 2.29 -1.24
C ALA B 142 -16.29 3.17 -2.31
N HIS B 143 -17.53 2.86 -2.68
CA HIS B 143 -18.23 3.54 -3.76
C HIS B 143 -18.54 5.01 -3.44
N LYS B 144 -18.75 5.31 -2.17
CA LYS B 144 -19.03 6.69 -1.76
C LYS B 144 -17.77 7.55 -1.74
N TYR B 145 -16.61 6.90 -1.85
CA TYR B 145 -15.35 7.61 -2.01
C TYR B 145 -15.16 8.06 -3.45
N HIS B 146 -15.77 7.32 -4.38
CA HIS B 146 -15.62 7.58 -5.80
C HIS B 146 -16.38 8.84 -6.22
N VAL C 1 15.29 -1.21 2.13
CA VAL C 1 16.73 -1.34 2.26
C VAL C 1 17.43 -0.16 1.58
N LEU C 2 18.26 0.55 2.34
CA LEU C 2 18.94 1.73 1.80
C LEU C 2 20.33 1.40 1.27
N SER C 3 20.65 1.98 0.11
CA SER C 3 21.98 1.85 -0.48
C SER C 3 22.94 2.75 0.28
N PRO C 4 24.26 2.57 0.06
CA PRO C 4 25.22 3.51 0.65
C PRO C 4 24.94 4.95 0.23
N ALA C 5 24.54 5.13 -1.03
CA ALA C 5 24.22 6.45 -1.55
C ALA C 5 22.97 7.00 -0.87
N ASP C 6 21.99 6.14 -0.61
CA ASP C 6 20.79 6.54 0.11
C ASP C 6 21.14 7.10 1.48
N LYS C 7 21.98 6.38 2.22
CA LYS C 7 22.39 6.81 3.54
C LYS C 7 23.16 8.13 3.44
N THR C 8 23.99 8.25 2.42
CA THR C 8 24.76 9.46 2.19
C THR C 8 23.84 10.65 1.93
N ASN C 9 22.84 10.45 1.08
CA ASN C 9 21.91 11.51 0.73
C ASN C 9 21.08 11.97 1.91
N VAL C 10 20.58 11.02 2.70
CA VAL C 10 19.74 11.33 3.85
C VAL C 10 20.52 12.14 4.89
N LYS C 11 21.73 11.68 5.21
CA LYS C 11 22.55 12.34 6.20
C LYS C 11 22.92 13.76 5.78
N ALA C 12 23.21 13.94 4.49
CA ALA C 12 23.61 15.24 3.98
C ALA C 12 22.43 16.22 3.97
N ALA C 13 21.26 15.72 3.58
CA ALA C 13 20.07 16.56 3.49
C ALA C 13 19.49 16.91 4.87
N TRP C 14 19.34 15.91 5.72
CA TRP C 14 18.77 16.14 7.04
C TRP C 14 19.75 16.90 7.91
N GLY C 15 21.03 16.79 7.59
CA GLY C 15 22.05 17.59 8.26
C GLY C 15 21.88 19.06 7.95
N LYS C 16 21.41 19.35 6.73
CA LYS C 16 21.18 20.72 6.31
C LYS C 16 19.99 21.34 7.03
N VAL C 17 19.09 20.48 7.52
CA VAL C 17 17.96 20.93 8.32
C VAL C 17 18.43 21.63 9.58
N GLY C 18 19.33 20.96 10.30
CA GLY C 18 19.96 21.54 11.47
C GLY C 18 19.01 22.00 12.56
N ALA C 19 19.13 23.27 12.93
CA ALA C 19 18.34 23.83 14.02
C ALA C 19 16.90 24.13 13.61
N HIS C 20 16.59 23.93 12.33
CA HIS C 20 15.23 24.13 11.83
C HIS C 20 14.38 22.89 12.01
N ALA C 21 14.85 21.97 12.84
CA ALA C 21 14.19 20.69 13.07
C ALA C 21 12.78 20.86 13.61
N GLY C 22 12.67 21.55 14.74
CA GLY C 22 11.39 21.78 15.38
C GLY C 22 10.42 22.57 14.53
N GLU C 23 10.95 23.44 13.68
CA GLU C 23 10.12 24.23 12.79
C GLU C 23 9.54 23.37 11.68
N TYR C 24 10.40 22.59 11.02
CA TYR C 24 9.97 21.75 9.90
C TYR C 24 9.05 20.64 10.38
N GLY C 25 9.35 20.10 11.55
CA GLY C 25 8.53 19.05 12.14
C GLY C 25 7.11 19.53 12.41
N ALA C 26 7.02 20.74 12.95
CA ALA C 26 5.71 21.34 13.26
C ALA C 26 4.95 21.65 11.99
N GLU C 27 5.65 22.15 10.98
CA GLU C 27 5.02 22.49 9.71
C GLU C 27 4.48 21.24 9.01
N ALA C 28 5.28 20.18 9.03
CA ALA C 28 4.87 18.91 8.43
C ALA C 28 3.60 18.38 9.10
N LEU C 29 3.55 18.47 10.43
CA LEU C 29 2.37 18.04 11.18
C LEU C 29 1.16 18.87 10.80
N GLU C 30 1.34 20.19 10.71
CA GLU C 30 0.23 21.07 10.38
C GLU C 30 -0.27 20.85 8.96
N ARG C 31 0.65 20.50 8.05
CA ARG C 31 0.27 20.16 6.68
C ARG C 31 -0.56 18.87 6.67
N MET C 32 -0.18 17.92 7.50
CA MET C 32 -0.91 16.64 7.58
C MET C 32 -2.32 16.86 8.12
N PHE C 33 -2.43 17.53 9.25
CA PHE C 33 -3.71 17.76 9.91
C PHE C 33 -4.70 18.50 9.02
N LEU C 34 -4.17 19.40 8.19
CA LEU C 34 -5.01 20.23 7.33
C LEU C 34 -5.37 19.54 6.01
N SER C 35 -4.39 18.87 5.41
CA SER C 35 -4.61 18.17 4.14
C SER C 35 -5.40 16.89 4.35
N PHE C 36 -5.20 16.26 5.51
CA PHE C 36 -5.86 15.00 5.83
C PHE C 36 -6.41 15.04 7.24
N PRO C 37 -7.60 15.67 7.40
CA PRO C 37 -8.19 15.93 8.72
C PRO C 37 -8.48 14.68 9.55
N THR C 38 -8.58 13.51 8.90
CA THR C 38 -8.84 12.29 9.65
C THR C 38 -7.69 11.94 10.58
N THR C 39 -6.48 12.41 10.24
CA THR C 39 -5.30 12.16 11.07
C THR C 39 -5.40 12.82 12.44
N LYS C 40 -6.29 13.82 12.54
CA LYS C 40 -6.47 14.55 13.79
C LYS C 40 -7.12 13.69 14.87
N THR C 41 -7.77 12.61 14.45
CA THR C 41 -8.46 11.72 15.38
C THR C 41 -7.47 10.95 16.26
N TYR C 42 -6.21 10.91 15.82
CA TYR C 42 -5.17 10.28 16.62
C TYR C 42 -4.71 11.20 17.74
N PHE C 43 -5.10 12.48 17.67
CA PHE C 43 -4.73 13.44 18.70
C PHE C 43 -5.96 14.10 19.32
N PRO C 44 -6.82 13.32 19.98
CA PRO C 44 -8.12 13.83 20.43
C PRO C 44 -8.02 14.87 21.55
N HIS C 45 -6.96 14.82 22.35
CA HIS C 45 -6.81 15.74 23.47
C HIS C 45 -5.77 16.81 23.18
N PHE C 46 -5.44 16.99 21.92
CA PHE C 46 -4.44 17.97 21.50
C PHE C 46 -5.07 19.31 21.17
N ASP C 47 -4.29 20.38 21.34
CA ASP C 47 -4.64 21.68 20.81
C ASP C 47 -4.06 21.79 19.40
N LEU C 48 -4.89 21.52 18.41
CA LEU C 48 -4.45 21.47 17.02
C LEU C 48 -4.79 22.75 16.27
N SER C 49 -5.00 23.84 17.01
CA SER C 49 -5.22 25.14 16.40
C SER C 49 -3.95 25.58 15.69
N HIS C 50 -4.09 26.47 14.70
CA HIS C 50 -2.96 26.95 13.94
C HIS C 50 -1.91 27.63 14.82
N GLY C 51 -0.68 27.16 14.73
CA GLY C 51 0.43 27.76 15.44
C GLY C 51 0.43 27.49 16.93
N SER C 52 -0.32 26.48 17.36
CA SER C 52 -0.39 26.15 18.78
C SER C 52 0.97 25.69 19.29
N ALA C 53 1.23 25.95 20.56
CA ALA C 53 2.51 25.59 21.17
C ALA C 53 2.70 24.08 21.28
N GLN C 54 1.60 23.36 21.46
CA GLN C 54 1.67 21.91 21.63
C GLN C 54 2.11 21.24 20.34
N VAL C 55 1.61 21.72 19.21
CA VAL C 55 1.95 21.17 17.89
C VAL C 55 3.42 21.44 17.56
N LYS C 56 3.88 22.64 17.86
CA LYS C 56 5.29 22.98 17.65
C LYS C 56 6.18 22.17 18.57
N GLY C 57 5.70 21.88 19.77
CA GLY C 57 6.41 21.02 20.70
C GLY C 57 6.48 19.61 20.18
N HIS C 58 5.38 19.15 19.57
CA HIS C 58 5.33 17.79 19.05
C HIS C 58 6.18 17.66 17.79
N GLY C 59 6.21 18.72 17.00
CA GLY C 59 7.01 18.75 15.79
C GLY C 59 8.48 18.57 16.09
N LYS C 60 8.94 19.18 17.19
CA LYS C 60 10.32 19.06 17.60
C LYS C 60 10.62 17.64 18.06
N LYS C 61 9.62 16.99 18.67
CA LYS C 61 9.76 15.62 19.11
C LYS C 61 9.91 14.68 17.91
N VAL C 62 9.05 14.88 16.91
CA VAL C 62 9.13 14.11 15.67
C VAL C 62 10.47 14.31 14.98
N ALA C 63 10.87 15.57 14.83
CA ALA C 63 12.10 15.90 14.14
C ALA C 63 13.32 15.28 14.80
N ASP C 64 13.40 15.37 16.12
CA ASP C 64 14.53 14.83 16.86
C ASP C 64 14.59 13.32 16.77
N ALA C 65 13.43 12.67 16.73
CA ALA C 65 13.35 11.23 16.55
C ALA C 65 13.92 10.85 15.19
N LEU C 66 13.59 11.66 14.18
CA LEU C 66 14.12 11.46 12.84
C LEU C 66 15.63 11.67 12.82
N THR C 67 16.09 12.68 13.54
CA THR C 67 17.53 12.93 13.65
C THR C 67 18.21 11.71 14.27
N ASN C 68 17.58 11.14 15.28
CA ASN C 68 18.06 9.93 15.93
C ASN C 68 18.07 8.74 14.97
N ALA C 69 17.04 8.64 14.14
CA ALA C 69 16.94 7.57 13.16
C ALA C 69 18.05 7.67 12.11
N VAL C 70 18.38 8.90 11.72
CA VAL C 70 19.44 9.14 10.76
C VAL C 70 20.79 8.68 11.31
N ALA C 71 21.02 8.92 12.59
CA ALA C 71 22.26 8.52 13.24
C ALA C 71 22.34 7.01 13.41
N HIS C 72 21.19 6.34 13.46
CA HIS C 72 21.15 4.89 13.60
C HIS C 72 20.46 4.23 12.41
N VAL C 73 20.82 4.69 11.22
CA VAL C 73 20.18 4.21 9.99
C VAL C 73 20.52 2.73 9.74
N ASP C 74 21.62 2.26 10.31
CA ASP C 74 22.01 0.86 10.16
C ASP C 74 21.34 -0.01 11.23
N ASP C 75 20.78 0.62 12.24
CA ASP C 75 20.14 -0.11 13.33
C ASP C 75 18.88 0.61 13.80
N MET C 76 17.87 0.69 12.94
CA MET C 76 16.64 1.35 13.30
C MET C 76 15.78 0.61 14.34
N PRO C 77 15.58 -0.73 14.19
CA PRO C 77 14.67 -1.41 15.12
C PRO C 77 15.01 -1.19 16.60
N ASN C 78 16.28 -1.35 16.96
CA ASN C 78 16.70 -1.15 18.34
C ASN C 78 16.57 0.30 18.79
N ALA C 79 17.03 1.23 17.94
CA ALA C 79 17.02 2.64 18.28
C ALA C 79 15.61 3.20 18.42
N LEU C 80 14.68 2.61 17.71
CA LEU C 80 13.28 3.06 17.65
C LEU C 80 12.32 2.13 18.39
N SER C 81 12.81 1.25 19.20
CA SER C 81 11.98 0.27 19.96
C SER C 81 10.85 0.94 20.75
N ALA C 82 11.17 1.97 21.47
CA ALA C 82 10.18 2.69 22.26
C ALA C 82 9.12 3.37 21.38
N LEU C 83 9.54 3.97 20.28
CA LEU C 83 8.61 4.67 19.34
C LEU C 83 7.74 3.63 18.64
N SER C 84 8.21 2.38 18.57
CA SER C 84 7.45 1.28 17.92
C SER C 84 6.56 0.57 18.95
N ASP C 85 6.66 0.98 20.21
CA ASP C 85 5.86 0.38 21.31
C ASP C 85 4.70 1.32 21.67
N LEU C 86 4.66 2.50 21.03
CA LEU C 86 3.58 3.50 21.29
C LEU C 86 2.96 3.95 19.97
N HIS C 87 3.52 3.51 18.87
CA HIS C 87 2.86 3.74 17.55
C HIS C 87 2.20 2.43 17.12
N ALA C 88 2.82 1.32 17.41
CA ALA C 88 2.37 -0.01 16.93
C ALA C 88 1.67 -0.80 18.01
N HIS C 89 2.01 -0.66 19.26
CA HIS C 89 1.36 -1.42 20.33
C HIS C 89 0.14 -0.72 20.96
N LYS C 90 0.07 0.58 21.12
CA LYS C 90 -0.96 1.27 21.94
C LYS C 90 -1.82 2.16 21.04
N LEU C 91 -1.18 2.89 20.12
CA LEU C 91 -1.90 3.80 19.18
C LEU C 91 -2.31 3.02 17.93
N ARG C 92 -1.69 1.85 17.71
CA ARG C 92 -2.00 1.02 16.53
C ARG C 92 -2.27 1.90 15.31
N VAL C 93 -1.32 2.72 14.94
CA VAL C 93 -1.52 3.66 13.81
C VAL C 93 -1.61 2.93 12.45
N ASP C 94 -2.63 3.24 11.71
CA ASP C 94 -2.77 2.71 10.35
C ASP C 94 -1.63 3.22 9.49
N PRO C 95 -0.86 2.30 8.88
CA PRO C 95 0.32 2.63 8.06
C PRO C 95 0.05 3.65 6.96
N VAL C 96 -1.20 3.81 6.54
CA VAL C 96 -1.53 4.82 5.52
C VAL C 96 -1.24 6.22 6.06
N ASN C 97 -1.38 6.40 7.38
CA ASN C 97 -1.16 7.69 8.00
C ASN C 97 0.32 8.06 8.01
N PHE C 98 1.18 7.06 8.06
CA PHE C 98 2.62 7.28 7.98
C PHE C 98 3.02 7.75 6.59
N LYS C 99 2.34 7.24 5.57
CA LYS C 99 2.59 7.70 4.20
C LYS C 99 2.19 9.16 4.06
N LEU C 100 1.11 9.53 4.73
CA LEU C 100 0.63 10.92 4.72
C LEU C 100 1.64 11.88 5.38
N LEU C 101 2.14 11.50 6.55
CA LEU C 101 3.12 12.36 7.24
C LEU C 101 4.44 12.40 6.50
N SER C 102 4.89 11.25 5.99
CA SER C 102 6.13 11.18 5.22
C SER C 102 6.07 12.10 4.01
N HIS C 103 4.92 12.11 3.34
CA HIS C 103 4.67 13.00 2.21
C HIS C 103 4.79 14.46 2.63
N CYS C 104 4.07 14.82 3.69
CA CYS C 104 4.08 16.19 4.20
C CYS C 104 5.47 16.62 4.66
N LEU C 105 6.28 15.65 5.09
CA LEU C 105 7.66 15.92 5.44
C LEU C 105 8.47 16.25 4.19
N LEU C 106 8.25 15.50 3.12
CA LEU C 106 8.94 15.76 1.86
C LEU C 106 8.54 17.12 1.30
N VAL C 107 7.24 17.42 1.35
CA VAL C 107 6.71 18.70 0.91
C VAL C 107 7.37 19.84 1.68
N THR C 108 7.50 19.66 2.99
CA THR C 108 8.13 20.66 3.85
C THR C 108 9.60 20.85 3.50
N LEU C 109 10.31 19.73 3.30
CA LEU C 109 11.72 19.79 2.91
C LEU C 109 11.89 20.47 1.56
N ALA C 110 11.02 20.12 0.62
CA ALA C 110 11.08 20.69 -0.73
C ALA C 110 10.79 22.18 -0.71
N ALA C 111 9.92 22.60 0.21
CA ALA C 111 9.53 23.99 0.32
C ALA C 111 10.63 24.86 0.92
N HIS C 112 11.46 24.26 1.77
CA HIS C 112 12.48 25.02 2.50
C HIS C 112 13.88 24.80 1.96
N LEU C 113 14.11 23.67 1.30
CA LEU C 113 15.44 23.34 0.80
C LEU C 113 15.41 22.97 -0.69
N PRO C 114 15.20 23.98 -1.56
CA PRO C 114 15.07 23.76 -3.00
C PRO C 114 16.30 23.15 -3.66
N ALA C 115 17.48 23.61 -3.28
CA ALA C 115 18.72 23.14 -3.90
C ALA C 115 19.11 21.75 -3.41
N GLU C 116 18.65 21.40 -2.21
CA GLU C 116 18.97 20.11 -1.62
C GLU C 116 18.03 19.00 -2.11
N PHE C 117 16.83 19.39 -2.51
CA PHE C 117 15.80 18.41 -2.86
C PHE C 117 15.91 17.94 -4.30
N THR C 118 17.04 17.34 -4.64
CA THR C 118 17.26 16.78 -5.96
C THR C 118 16.46 15.49 -6.13
N PRO C 119 16.21 15.06 -7.38
CA PRO C 119 15.49 13.81 -7.59
C PRO C 119 16.11 12.62 -6.87
N ALA C 120 17.44 12.56 -6.82
CA ALA C 120 18.13 11.47 -6.16
C ALA C 120 17.94 11.50 -4.64
N VAL C 121 18.04 12.70 -4.06
CA VAL C 121 17.86 12.88 -2.62
C VAL C 121 16.39 12.71 -2.24
N HIS C 122 15.51 13.16 -3.12
CA HIS C 122 14.07 12.94 -3.00
C HIS C 122 13.79 11.44 -2.81
N ALA C 123 14.30 10.64 -3.73
CA ALA C 123 14.10 9.19 -3.71
C ALA C 123 14.67 8.55 -2.45
N SER C 124 15.83 9.02 -2.02
CA SER C 124 16.50 8.47 -0.84
C SER C 124 15.72 8.80 0.43
N LEU C 125 15.24 10.03 0.53
CA LEU C 125 14.48 10.47 1.69
C LEU C 125 13.17 9.70 1.82
N ASP C 126 12.54 9.43 0.69
CA ASP C 126 11.29 8.68 0.67
C ASP C 126 11.49 7.27 1.24
N LYS C 127 12.57 6.62 0.80
CA LYS C 127 12.91 5.29 1.29
C LYS C 127 13.22 5.31 2.78
N PHE C 128 13.91 6.35 3.22
CA PHE C 128 14.25 6.52 4.62
C PHE C 128 12.99 6.64 5.48
N LEU C 129 12.08 7.51 5.06
CA LEU C 129 10.83 7.73 5.78
C LEU C 129 9.95 6.49 5.75
N ALA C 130 10.03 5.72 4.68
CA ALA C 130 9.29 4.47 4.56
C ALA C 130 9.84 3.44 5.54
N SER C 131 11.16 3.43 5.69
CA SER C 131 11.81 2.51 6.61
C SER C 131 11.43 2.82 8.05
N VAL C 132 11.47 4.10 8.40
CA VAL C 132 11.06 4.55 9.72
C VAL C 132 9.61 4.20 9.97
N SER C 133 8.77 4.39 8.96
CA SER C 133 7.35 4.08 9.05
C SER C 133 7.10 2.59 9.28
N THR C 134 7.83 1.76 8.55
CA THR C 134 7.73 0.31 8.70
C THR C 134 8.08 -0.13 10.11
N VAL C 135 9.18 0.40 10.63
CA VAL C 135 9.65 0.05 11.97
C VAL C 135 8.64 0.48 13.05
N LEU C 136 8.11 1.69 12.94
CA LEU C 136 7.20 2.20 13.95
C LEU C 136 5.82 1.56 13.90
N THR C 137 5.50 0.91 12.78
CA THR C 137 4.18 0.32 12.60
C THR C 137 4.17 -1.18 12.85
N SER C 138 5.33 -1.75 13.14
CA SER C 138 5.48 -3.19 13.30
C SER C 138 5.60 -3.60 14.76
N LYS C 139 5.03 -4.76 15.09
CA LYS C 139 5.15 -5.30 16.44
C LYS C 139 6.25 -6.36 16.54
N TYR C 140 7.45 -5.93 16.92
CA TYR C 140 8.57 -6.87 17.01
C TYR C 140 9.01 -7.12 18.45
N ARG C 141 8.09 -6.93 19.39
CA ARG C 141 8.28 -7.33 20.78
C ARG C 141 7.18 -8.27 21.23
N VAL D 1 -19.10 15.31 -6.07
CA VAL D 1 -17.90 16.09 -6.28
C VAL D 1 -17.67 16.98 -5.06
N HIS D 2 -16.38 17.20 -4.75
CA HIS D 2 -15.87 17.94 -3.61
C HIS D 2 -15.27 19.24 -4.05
N LEU D 3 -14.31 19.77 -3.35
CA LEU D 3 -13.73 21.12 -3.51
C LEU D 3 -14.72 22.21 -3.24
N THR D 4 -14.38 22.89 -2.19
CA THR D 4 -15.03 24.10 -1.70
C THR D 4 -14.66 25.27 -2.60
N PRO D 5 -15.52 26.30 -2.61
CA PRO D 5 -15.28 27.47 -3.36
C PRO D 5 -13.90 28.04 -3.07
N GLU D 6 -13.53 28.05 -1.81
CA GLU D 6 -12.25 28.63 -1.44
C GLU D 6 -11.09 27.77 -1.92
N GLU D 7 -11.29 26.46 -1.93
CA GLU D 7 -10.28 25.53 -2.43
C GLU D 7 -10.12 25.65 -3.94
N LYS D 8 -11.23 25.84 -4.65
CA LYS D 8 -11.20 26.03 -6.09
C LYS D 8 -10.44 27.31 -6.44
N SER D 9 -10.63 28.34 -5.64
CA SER D 9 -9.96 29.63 -5.86
C SER D 9 -8.46 29.51 -5.64
N ALA D 10 -8.06 28.79 -4.60
CA ALA D 10 -6.65 28.64 -4.27
C ALA D 10 -5.92 27.82 -5.33
N VAL D 11 -6.59 26.81 -5.86
CA VAL D 11 -6.01 25.95 -6.88
C VAL D 11 -5.84 26.69 -8.19
N THR D 12 -6.88 27.42 -8.60
CA THR D 12 -6.84 28.22 -9.83
C THR D 12 -5.78 29.31 -9.76
N ALA D 13 -5.72 30.01 -8.63
CA ALA D 13 -4.80 31.12 -8.45
C ALA D 13 -3.34 30.70 -8.59
N LEU D 14 -2.99 29.53 -8.05
CA LEU D 14 -1.61 29.05 -8.11
C LEU D 14 -1.28 28.48 -9.48
N TRP D 15 -2.23 27.79 -10.10
CA TRP D 15 -1.96 27.09 -11.34
C TRP D 15 -1.65 28.03 -12.50
N GLY D 16 -2.18 29.26 -12.42
CA GLY D 16 -1.89 30.25 -13.44
C GLY D 16 -0.44 30.67 -13.45
N LYS D 17 0.27 30.36 -12.36
CA LYS D 17 1.68 30.72 -12.23
C LYS D 17 2.60 29.54 -12.54
N VAL D 18 2.01 28.43 -12.98
CA VAL D 18 2.74 27.19 -13.20
C VAL D 18 3.37 27.08 -14.58
N ASN D 19 4.64 26.72 -14.61
CA ASN D 19 5.38 26.43 -15.86
C ASN D 19 4.87 25.13 -16.48
N VAL D 20 3.98 25.23 -17.47
CA VAL D 20 3.39 24.06 -18.10
C VAL D 20 4.38 23.30 -18.98
N ASP D 21 5.57 23.86 -19.19
CA ASP D 21 6.57 23.21 -20.04
C ASP D 21 7.66 22.47 -19.25
N GLU D 22 7.65 22.62 -17.91
CA GLU D 22 8.67 22.01 -17.08
C GLU D 22 8.11 21.11 -15.97
N VAL D 23 7.07 21.58 -15.29
CA VAL D 23 6.53 20.88 -14.13
C VAL D 23 6.12 19.44 -14.45
N GLY D 24 5.50 19.24 -15.61
CA GLY D 24 5.11 17.91 -16.03
C GLY D 24 6.28 16.96 -16.16
N GLY D 25 7.34 17.42 -16.83
CA GLY D 25 8.55 16.63 -16.99
C GLY D 25 9.20 16.31 -15.66
N GLU D 26 9.24 17.32 -14.78
CA GLU D 26 9.80 17.15 -13.43
C GLU D 26 9.02 16.11 -12.64
N ALA D 27 7.70 16.15 -12.76
CA ALA D 27 6.83 15.23 -12.04
C ALA D 27 6.97 13.80 -12.54
N LEU D 28 6.87 13.62 -13.85
CA LEU D 28 7.03 12.29 -14.43
C LEU D 28 8.44 11.76 -14.17
N GLY D 29 9.42 12.64 -14.30
CA GLY D 29 10.81 12.27 -14.08
C GLY D 29 11.07 11.77 -12.68
N ARG D 30 10.60 12.52 -11.69
CA ARG D 30 10.78 12.13 -10.30
C ARG D 30 10.00 10.87 -9.96
N LEU D 31 8.85 10.68 -10.61
CA LEU D 31 8.08 9.45 -10.44
C LEU D 31 8.93 8.24 -10.81
N LEU D 32 9.62 8.36 -11.96
CA LEU D 32 10.46 7.28 -12.47
C LEU D 32 11.69 7.02 -11.61
N VAL D 33 12.18 8.07 -10.94
CA VAL D 33 13.37 7.96 -10.11
C VAL D 33 13.04 7.48 -8.70
N VAL D 34 12.01 8.09 -8.10
CA VAL D 34 11.63 7.77 -6.72
C VAL D 34 10.97 6.40 -6.63
N TYR D 35 10.19 6.04 -7.64
CA TYR D 35 9.52 4.75 -7.70
C TYR D 35 9.92 4.03 -8.98
N PRO D 36 11.12 3.42 -8.98
CA PRO D 36 11.80 2.91 -10.17
C PRO D 36 11.05 1.82 -10.94
N TRP D 37 10.08 1.16 -10.31
CA TRP D 37 9.32 0.12 -11.00
C TRP D 37 8.42 0.71 -12.07
N THR D 38 8.15 2.01 -11.98
CA THR D 38 7.32 2.71 -12.94
C THR D 38 8.01 2.83 -14.29
N GLN D 39 9.34 2.71 -14.29
CA GLN D 39 10.14 2.78 -15.51
C GLN D 39 9.76 1.68 -16.50
N ARG D 40 9.25 0.57 -15.97
CA ARG D 40 8.87 -0.57 -16.79
C ARG D 40 7.78 -0.21 -17.80
N PHE D 41 6.93 0.75 -17.44
CA PHE D 41 5.86 1.18 -18.33
C PHE D 41 6.36 2.07 -19.47
N PHE D 42 7.59 2.55 -19.36
CA PHE D 42 8.15 3.46 -20.36
C PHE D 42 9.44 2.91 -20.99
N GLU D 43 9.39 1.67 -21.45
CA GLU D 43 10.60 1.00 -21.94
C GLU D 43 11.13 1.60 -23.24
N SER D 44 10.24 2.11 -24.07
CA SER D 44 10.62 2.67 -25.36
C SER D 44 11.13 4.11 -25.25
N PHE D 45 11.18 4.63 -24.03
CA PHE D 45 11.57 6.02 -23.83
C PHE D 45 13.09 6.21 -23.79
N GLY D 46 13.83 5.11 -23.90
CA GLY D 46 15.27 5.18 -24.00
C GLY D 46 16.01 5.05 -22.67
N ASP D 47 17.01 5.90 -22.49
CA ASP D 47 17.89 5.83 -21.32
C ASP D 47 17.18 6.22 -20.04
N LEU D 48 17.03 5.24 -19.13
CA LEU D 48 16.48 5.49 -17.81
C LEU D 48 17.36 4.89 -16.73
N SER D 49 18.65 4.75 -17.05
CA SER D 49 19.60 4.06 -16.18
C SER D 49 19.92 4.82 -14.89
N THR D 50 20.05 6.14 -14.99
CA THR D 50 20.37 6.97 -13.83
C THR D 50 19.37 8.12 -13.69
N PRO D 51 19.30 8.73 -12.49
CA PRO D 51 18.46 9.92 -12.29
C PRO D 51 18.75 11.03 -13.31
N ASP D 52 20.03 11.29 -13.59
CA ASP D 52 20.40 12.31 -14.55
C ASP D 52 19.89 11.98 -15.96
N ALA D 53 19.90 10.70 -16.29
CA ALA D 53 19.41 10.25 -17.59
C ALA D 53 17.90 10.44 -17.70
N VAL D 54 17.19 10.11 -16.63
CA VAL D 54 15.73 10.24 -16.60
C VAL D 54 15.30 11.69 -16.75
N MET D 55 15.87 12.57 -15.92
CA MET D 55 15.46 13.98 -15.91
C MET D 55 15.87 14.70 -17.20
N GLY D 56 16.89 14.17 -17.87
CA GLY D 56 17.38 14.77 -19.11
C GLY D 56 16.85 14.09 -20.35
N ASN D 57 16.05 13.04 -20.17
CA ASN D 57 15.46 12.33 -21.29
C ASN D 57 14.38 13.18 -21.95
N PRO D 58 14.56 13.48 -23.25
CA PRO D 58 13.66 14.33 -24.03
C PRO D 58 12.23 13.78 -24.09
N LYS D 59 12.11 12.46 -24.20
CA LYS D 59 10.80 11.81 -24.26
C LYS D 59 10.06 11.91 -22.94
N VAL D 60 10.79 11.88 -21.83
CA VAL D 60 10.17 11.98 -20.51
C VAL D 60 9.60 13.37 -20.30
N LYS D 61 10.36 14.39 -20.68
CA LYS D 61 9.91 15.77 -20.58
C LYS D 61 8.73 16.02 -21.52
N ALA D 62 8.81 15.47 -22.73
CA ALA D 62 7.74 15.62 -23.72
C ALA D 62 6.43 15.00 -23.25
N HIS D 63 6.53 13.78 -22.70
CA HIS D 63 5.34 13.11 -22.20
C HIS D 63 4.81 13.81 -20.95
N GLY D 64 5.72 14.39 -20.18
CA GLY D 64 5.37 15.16 -19.00
C GLY D 64 4.43 16.30 -19.33
N LYS D 65 4.73 17.00 -20.43
CA LYS D 65 3.86 18.08 -20.91
C LYS D 65 2.45 17.58 -21.18
N LYS D 66 2.35 16.41 -21.80
CA LYS D 66 1.05 15.81 -22.09
C LYS D 66 0.30 15.52 -20.79
N VAL D 67 1.00 14.90 -19.84
CA VAL D 67 0.43 14.61 -18.53
C VAL D 67 -0.06 15.87 -17.85
N LEU D 68 0.76 16.91 -17.86
CA LEU D 68 0.43 18.16 -17.20
C LEU D 68 -0.74 18.85 -17.89
N GLY D 69 -0.84 18.67 -19.21
CA GLY D 69 -1.96 19.21 -19.97
C GLY D 69 -3.27 18.58 -19.54
N ALA D 70 -3.21 17.29 -19.17
CA ALA D 70 -4.39 16.58 -18.70
C ALA D 70 -4.81 17.08 -17.32
N PHE D 71 -3.84 17.36 -16.47
CA PHE D 71 -4.11 17.95 -15.16
C PHE D 71 -4.75 19.32 -15.33
N SER D 72 -4.25 20.10 -16.29
CA SER D 72 -4.82 21.41 -16.62
C SER D 72 -6.27 21.27 -17.07
N ASP D 73 -6.54 20.24 -17.87
CA ASP D 73 -7.89 19.97 -18.34
C ASP D 73 -8.78 19.58 -17.17
N GLY D 74 -8.19 18.94 -16.17
CA GLY D 74 -8.92 18.57 -14.97
C GLY D 74 -9.32 19.78 -14.14
N LEU D 75 -8.39 20.73 -14.02
CA LEU D 75 -8.63 21.92 -13.21
C LEU D 75 -9.66 22.86 -13.83
N ALA D 76 -9.87 22.72 -15.13
CA ALA D 76 -10.88 23.51 -15.82
C ALA D 76 -12.26 22.85 -15.71
N HIS D 77 -12.28 21.62 -15.23
CA HIS D 77 -13.51 20.86 -15.09
C HIS D 77 -13.53 20.11 -13.76
N LEU D 78 -13.36 20.86 -12.68
CA LEU D 78 -13.19 20.27 -11.34
C LEU D 78 -14.44 19.57 -10.82
N ASP D 79 -15.59 19.88 -11.39
CA ASP D 79 -16.83 19.23 -10.98
C ASP D 79 -17.19 18.07 -11.91
N ASN D 80 -16.27 17.74 -12.82
CA ASN D 80 -16.45 16.62 -13.72
C ASN D 80 -15.10 16.00 -14.08
N LEU D 81 -14.39 15.54 -13.06
CA LEU D 81 -13.08 14.92 -13.26
C LEU D 81 -13.24 13.57 -13.94
N LYS D 82 -14.32 12.86 -13.62
CA LYS D 82 -14.42 11.47 -14.07
C LYS D 82 -14.75 11.45 -15.56
N GLY D 83 -15.51 12.42 -16.04
CA GLY D 83 -15.75 12.56 -17.47
C GLY D 83 -14.52 13.08 -18.22
N THR D 84 -13.80 13.98 -17.59
CA THR D 84 -12.59 14.56 -18.16
C THR D 84 -11.52 13.51 -18.42
N PHE D 85 -11.36 12.58 -17.47
CA PHE D 85 -10.32 11.57 -17.57
C PHE D 85 -10.87 10.21 -17.98
N ALA D 86 -12.07 10.20 -18.55
CA ALA D 86 -12.73 8.96 -18.97
C ALA D 86 -11.88 8.15 -19.95
N THR D 87 -11.40 8.80 -21.00
CA THR D 87 -10.62 8.13 -22.03
C THR D 87 -9.28 7.65 -21.50
N LEU D 88 -8.62 8.49 -20.73
CA LEU D 88 -7.34 8.15 -20.11
C LEU D 88 -7.50 6.97 -19.15
N SER D 89 -8.64 6.90 -18.47
CA SER D 89 -8.92 5.82 -17.55
C SER D 89 -8.95 4.47 -18.26
N GLU D 90 -9.60 4.42 -19.42
CA GLU D 90 -9.62 3.21 -20.24
C GLU D 90 -8.21 2.79 -20.65
N LEU D 91 -7.40 3.77 -21.06
CA LEU D 91 -6.02 3.52 -21.45
C LEU D 91 -5.19 2.93 -20.32
N HIS D 92 -5.18 3.63 -19.18
CA HIS D 92 -4.31 3.25 -18.06
C HIS D 92 -4.79 1.98 -17.35
N CYS D 93 -6.10 1.76 -17.29
CA CYS D 93 -6.64 0.61 -16.56
C CYS D 93 -6.81 -0.63 -17.44
N ASP D 94 -7.58 -0.50 -18.52
CA ASP D 94 -7.96 -1.64 -19.33
C ASP D 94 -6.83 -2.11 -20.25
N LYS D 95 -6.03 -1.17 -20.74
CA LYS D 95 -4.98 -1.51 -21.70
C LYS D 95 -3.61 -1.63 -21.05
N LEU D 96 -3.20 -0.61 -20.30
CA LEU D 96 -1.87 -0.59 -19.70
C LEU D 96 -1.82 -1.35 -18.38
N HIS D 97 -2.97 -1.48 -17.74
CA HIS D 97 -3.09 -2.17 -16.45
C HIS D 97 -2.18 -1.58 -15.38
N VAL D 98 -2.13 -0.25 -15.31
CA VAL D 98 -1.39 0.44 -14.27
C VAL D 98 -2.15 0.39 -12.96
N ASP D 99 -1.51 -0.13 -11.93
CA ASP D 99 -2.12 -0.23 -10.61
C ASP D 99 -2.47 1.16 -10.07
N PRO D 100 -3.71 1.32 -9.56
CA PRO D 100 -4.26 2.57 -9.02
C PRO D 100 -3.33 3.31 -8.08
N GLU D 101 -2.55 2.57 -7.29
CA GLU D 101 -1.66 3.18 -6.31
C GLU D 101 -0.66 4.12 -6.98
N ASN D 102 -0.23 3.78 -8.18
CA ASN D 102 0.72 4.60 -8.92
C ASN D 102 0.11 5.94 -9.31
N PHE D 103 -1.20 5.96 -9.53
CA PHE D 103 -1.91 7.20 -9.82
C PHE D 103 -1.78 8.16 -8.64
N ARG D 104 -1.88 7.62 -7.43
CA ARG D 104 -1.79 8.42 -6.22
C ARG D 104 -0.38 8.92 -5.99
N LEU D 105 0.60 8.06 -6.29
CA LEU D 105 2.01 8.42 -6.12
C LEU D 105 2.41 9.56 -7.04
N LEU D 106 1.98 9.52 -8.29
CA LEU D 106 2.30 10.59 -9.24
C LEU D 106 1.68 11.91 -8.80
N GLY D 107 0.44 11.84 -8.32
CA GLY D 107 -0.24 13.01 -7.79
C GLY D 107 0.52 13.67 -6.65
N ASN D 108 1.08 12.85 -5.76
CA ASN D 108 1.84 13.36 -4.63
C ASN D 108 3.25 13.80 -5.02
N VAL D 109 3.79 13.18 -6.07
CA VAL D 109 5.06 13.64 -6.64
C VAL D 109 4.85 15.05 -7.22
N LEU D 110 3.73 15.24 -7.90
CA LEU D 110 3.36 16.55 -8.44
C LEU D 110 3.28 17.59 -7.32
N VAL D 111 2.72 17.19 -6.18
CA VAL D 111 2.59 18.08 -5.04
C VAL D 111 3.96 18.51 -4.52
N CYS D 112 4.90 17.58 -4.47
CA CYS D 112 6.27 17.88 -4.03
C CYS D 112 6.94 18.84 -5.01
N VAL D 113 6.71 18.61 -6.30
CA VAL D 113 7.27 19.47 -7.35
C VAL D 113 6.74 20.90 -7.22
N LEU D 114 5.46 21.03 -6.90
CA LEU D 114 4.85 22.35 -6.69
C LEU D 114 5.47 23.03 -5.48
N ALA D 115 5.69 22.28 -4.42
CA ALA D 115 6.33 22.81 -3.22
C ALA D 115 7.77 23.20 -3.52
N HIS D 116 8.44 22.40 -4.33
CA HIS D 116 9.83 22.64 -4.67
C HIS D 116 9.99 23.95 -5.45
N HIS D 117 8.99 24.27 -6.28
CA HIS D 117 9.07 25.48 -7.11
C HIS D 117 8.59 26.73 -6.39
N PHE D 118 7.47 26.61 -5.67
CA PHE D 118 6.87 27.79 -5.05
C PHE D 118 7.38 28.04 -3.63
N GLY D 119 7.91 26.99 -3.02
CA GLY D 119 8.45 27.08 -1.68
C GLY D 119 7.44 27.57 -0.66
N LYS D 120 7.78 28.69 -0.02
CA LYS D 120 6.97 29.27 1.05
C LYS D 120 5.57 29.65 0.57
N GLU D 121 5.45 29.93 -0.73
CA GLU D 121 4.18 30.28 -1.34
C GLU D 121 3.23 29.08 -1.39
N PHE D 122 3.80 27.88 -1.37
CA PHE D 122 3.01 26.65 -1.31
C PHE D 122 2.62 26.38 0.14
N THR D 123 1.70 27.20 0.66
CA THR D 123 1.30 27.15 2.05
C THR D 123 0.46 25.91 2.33
N PRO D 124 0.36 25.50 3.62
CA PRO D 124 -0.49 24.35 3.97
C PRO D 124 -1.93 24.42 3.43
N PRO D 125 -2.61 25.59 3.47
CA PRO D 125 -3.95 25.57 2.87
C PRO D 125 -3.91 25.33 1.36
N VAL D 126 -2.89 25.85 0.70
CA VAL D 126 -2.74 25.65 -0.74
C VAL D 126 -2.50 24.18 -1.05
N GLN D 127 -1.57 23.55 -0.31
CA GLN D 127 -1.31 22.12 -0.46
C GLN D 127 -2.58 21.29 -0.24
N ALA D 128 -3.30 21.60 0.84
CA ALA D 128 -4.52 20.88 1.18
C ALA D 128 -5.51 20.89 0.04
N ALA D 129 -5.65 22.04 -0.62
CA ALA D 129 -6.55 22.18 -1.75
C ALA D 129 -6.07 21.35 -2.94
N TYR D 130 -4.76 21.29 -3.14
CA TYR D 130 -4.20 20.51 -4.24
C TYR D 130 -4.22 19.01 -3.95
N GLN D 131 -4.27 18.64 -2.66
CA GLN D 131 -4.36 17.22 -2.31
C GLN D 131 -5.70 16.65 -2.75
N LYS D 132 -6.74 17.46 -2.70
CA LYS D 132 -8.06 17.03 -3.14
C LYS D 132 -8.11 16.93 -4.66
N VAL D 133 -7.38 17.83 -5.32
CA VAL D 133 -7.26 17.79 -6.77
C VAL D 133 -6.64 16.48 -7.24
N VAL D 134 -5.45 16.18 -6.77
CA VAL D 134 -4.70 15.02 -7.24
C VAL D 134 -5.37 13.70 -6.84
N ALA D 135 -6.14 13.74 -5.75
CA ALA D 135 -6.90 12.57 -5.32
C ALA D 135 -8.10 12.35 -6.23
N GLY D 136 -8.73 13.45 -6.63
CA GLY D 136 -9.85 13.39 -7.55
C GLY D 136 -9.41 12.96 -8.94
N VAL D 137 -8.19 13.35 -9.32
CA VAL D 137 -7.62 12.95 -10.59
C VAL D 137 -7.26 11.46 -10.57
N ALA D 138 -6.69 11.01 -9.45
CA ALA D 138 -6.29 9.63 -9.30
C ALA D 138 -7.50 8.70 -9.29
N ASN D 139 -8.57 9.15 -8.63
CA ASN D 139 -9.81 8.38 -8.57
C ASN D 139 -10.48 8.30 -9.94
N ALA D 140 -10.54 9.44 -10.62
CA ALA D 140 -11.13 9.51 -11.96
C ALA D 140 -10.38 8.61 -12.94
N LEU D 141 -9.06 8.54 -12.77
CA LEU D 141 -8.22 7.74 -13.65
C LEU D 141 -8.38 6.25 -13.38
N ALA D 142 -8.81 5.91 -12.18
CA ALA D 142 -9.01 4.51 -11.81
C ALA D 142 -10.48 4.12 -11.90
N HIS D 143 -11.28 4.96 -12.55
CA HIS D 143 -12.72 4.73 -12.68
C HIS D 143 -13.07 3.40 -13.33
N LYS D 144 -12.27 2.97 -14.31
CA LYS D 144 -12.54 1.72 -15.01
C LYS D 144 -12.21 0.50 -14.16
N TYR D 145 -11.59 0.74 -13.00
CA TYR D 145 -11.33 -0.32 -12.03
C TYR D 145 -12.51 -0.48 -11.07
N HIS D 146 -13.37 0.53 -11.04
CA HIS D 146 -14.48 0.56 -10.08
C HIS D 146 -15.76 -0.01 -10.69
C CMO E . 8.98 -15.23 -9.28
O CMO E . 8.21 -16.01 -9.22
CHA HEM F . 12.53 -15.24 -11.03
CHB HEM F . 11.81 -15.79 -6.28
CHC HEM F . 8.17 -12.57 -6.42
CHD HEM F . 8.58 -12.35 -11.25
C1A HEM F . 12.64 -15.67 -9.74
C2A HEM F . 13.60 -16.66 -9.25
C3A HEM F . 13.39 -16.81 -7.94
C4A HEM F . 12.32 -15.92 -7.55
CMA HEM F . 14.17 -17.75 -6.99
CAA HEM F . 14.65 -17.39 -10.11
CBA HEM F . 16.00 -16.74 -9.90
CGA HEM F . 17.06 -17.51 -10.62
O1A HEM F . 17.89 -18.17 -9.94
O2A HEM F . 17.09 -17.48 -11.88
C1B HEM F . 10.79 -14.95 -5.91
C2B HEM F . 10.29 -14.79 -4.55
C3B HEM F . 9.29 -13.92 -4.56
C4B HEM F . 9.10 -13.47 -5.94
CMB HEM F . 10.85 -15.52 -3.31
CAB HEM F . 8.53 -13.50 -3.28
CBB HEM F . 7.45 -12.71 -3.28
C1C HEM F . 7.90 -12.30 -7.74
C2C HEM F . 6.72 -11.64 -8.27
C3C HEM F . 6.85 -11.57 -9.60
C4C HEM F . 8.10 -12.21 -9.97
CMC HEM F . 5.58 -11.10 -7.38
CAC HEM F . 5.90 -10.98 -10.68
CBC HEM F . 4.60 -10.75 -10.48
C1D HEM F . 9.67 -13.08 -11.64
C2D HEM F . 10.12 -13.23 -13.01
C3D HEM F . 11.36 -14.12 -12.94
C4D HEM F . 11.52 -14.44 -11.54
CMD HEM F . 9.50 -12.60 -14.27
CAD HEM F . 12.22 -14.61 -14.13
CBD HEM F . 11.65 -15.90 -14.67
CGD HEM F . 12.58 -16.44 -15.71
O1D HEM F . 12.58 -15.91 -16.86
O2D HEM F . 13.34 -17.40 -15.40
NA HEM F . 11.88 -15.25 -8.67
NB HEM F . 10.03 -14.13 -6.73
NC HEM F . 8.72 -12.64 -8.81
ND HEM F . 10.52 -13.81 -10.82
FE HEM F . 10.28 -13.94 -8.78
C1 V39 G . 10.22 -5.60 9.31
C2 V39 G . 9.40 -5.34 8.04
C3 V39 G . 8.06 -5.36 8.07
C4 V39 G . 7.31 -5.13 6.88
C5 V39 G . 7.98 -4.87 5.65
C6 V39 G . 9.37 -4.85 5.61
C7 V39 G . 10.09 -5.08 6.78
O8 V39 G . 7.37 -5.63 9.31
O10 V39 G . 11.53 -5.06 6.78
C11 V39 G . 12.14 -5.42 5.60
C12 V39 G . 13.63 -5.53 5.90
C13 V39 G . 14.55 -4.57 5.37
C14 V39 G . 15.97 -4.69 5.67
C15 V39 G . 16.38 -5.78 6.52
C16 V39 G . 15.40 -6.68 7.00
N17 V39 G . 14.07 -6.52 6.69
C18 V39 G . 15.84 -7.86 7.91
O19 V39 G . 16.69 -8.69 7.20
C CMO H . -16.99 -4.47 9.32
O CMO H . -16.77 -5.29 10.06
CHA HEM I . -20.28 -2.30 10.47
CHB HEM I . -19.78 -5.25 6.65
CHC HEM I . -15.21 -3.73 6.11
CHD HEM I . -15.47 -1.33 10.32
C1A HEM I . -20.56 -3.23 9.49
C2A HEM I . -21.81 -3.92 9.29
C3A HEM I . -21.67 -4.73 8.23
C4A HEM I . -20.32 -4.58 7.73
CMA HEM I . -22.76 -5.66 7.65
CAA HEM I . -23.10 -3.77 10.12
CBA HEM I . -23.67 -2.37 9.92
CGA HEM I . -24.97 -2.24 10.68
O1A HEM I . -25.55 -1.13 10.69
O2A HEM I . -25.42 -3.26 11.26
C1B HEM I . -18.52 -5.05 6.13
C2B HEM I . -18.02 -5.59 4.89
C3B HEM I . -16.76 -5.19 4.72
C4B HEM I . -16.40 -4.36 5.87
CMB HEM I . -18.81 -6.49 3.90
CAB HEM I . -15.90 -5.56 3.48
CBB HEM I . -14.67 -5.08 3.27
C1C HEM I . -14.85 -3.06 7.26
C2C HEM I . -13.49 -2.75 7.68
C3C HEM I . -13.58 -2.08 8.85
C4C HEM I . -14.98 -1.95 9.20
CMC HEM I . -12.25 -3.15 6.88
CAC HEM I . -12.44 -1.51 9.76
CBC HEM I . -11.13 -1.68 9.55
C1D HEM I . -16.78 -1.38 10.77
C2D HEM I . -17.24 -0.83 12.02
C3D HEM I . -18.75 -1.13 12.07
C4D HEM I . -19.04 -1.83 10.84
CMD HEM I . -16.39 -0.09 13.08
CAD HEM I . -19.77 -0.77 13.17
CBD HEM I . -19.32 -1.37 14.51
CGD HEM I . -20.27 -0.93 15.60
O1D HEM I . -19.81 -0.84 16.77
O2D HEM I . -21.46 -0.69 15.30
NA HEM I . -19.67 -3.66 8.52
NB HEM I . -17.50 -4.31 6.70
NC HEM I . -15.72 -2.56 8.21
ND HEM I . -17.86 -1.96 10.11
FE HEM I . -17.71 -3.02 8.34
C CMO J . 3.50 11.69 15.80
O CMO J . 3.84 12.65 15.34
CHA HEM K . 3.92 10.50 19.58
CHB HEM K . 7.50 10.32 16.30
CHC HEM K . 4.30 9.26 12.81
CHD HEM K . 0.69 9.65 16.01
C1A HEM K . 5.16 10.59 18.97
C2A HEM K . 6.38 11.04 19.62
C3A HEM K . 7.36 10.99 18.72
C4A HEM K . 6.80 10.51 17.48
CMA HEM K . 8.83 11.38 18.96
CAA HEM K . 6.49 11.49 21.10
CBA HEM K . 7.01 10.35 21.96
CGA HEM K . 6.92 10.72 23.42
O1A HEM K . 6.20 11.71 23.75
O2A HEM K . 7.56 10.04 24.26
C1B HEM K . 6.95 10.02 15.07
C2B HEM K . 7.69 9.85 13.84
C3B HEM K . 6.81 9.55 12.86
C4B HEM K . 5.49 9.52 13.47
CMB HEM K . 9.22 10.01 13.74
CAB HEM K . 7.03 9.28 11.35
CBB HEM K . 8.18 9.48 10.70
C1C HEM K . 3.04 9.35 13.35
C2C HEM K . 1.78 9.37 12.63
C3C HEM K . 0.79 9.46 13.52
C4C HEM K . 1.38 9.53 14.83
CMC HEM K . 1.68 9.26 11.09
CAC HEM K . -0.76 9.54 13.33
CBC HEM K . -1.36 9.81 12.16
C1D HEM K . 1.21 9.89 17.26
C2D HEM K . 0.42 10.02 18.46
C3D HEM K . 1.43 10.28 19.58
C4D HEM K . 2.72 10.29 18.94
CMD HEM K . -1.11 9.90 18.59
CAD HEM K . 1.09 10.50 21.08
CBD HEM K . 1.06 11.99 21.41
CGD HEM K . 0.40 12.16 22.75
O1D HEM K . 0.87 13.01 23.55
O2D HEM K . -0.58 11.43 23.04
NA HEM K . 5.46 10.28 17.66
NB HEM K . 5.61 9.81 14.81
NC HEM K . 2.76 9.46 14.70
ND HEM K . 2.55 10.06 17.58
FE HEM K . 4.07 9.93 16.19
C1 V39 L . 14.69 -1.05 3.33
C2 V39 L . 13.20 -0.66 3.42
C3 V39 L . 12.58 -0.08 2.38
C4 V39 L . 11.20 0.28 2.47
C5 V39 L . 10.49 0.01 3.68
C6 V39 L . 11.12 -0.60 4.75
C7 V39 L . 12.47 -0.94 4.65
O8 V39 L . 13.32 0.20 1.17
O10 V39 L . 13.15 -1.57 5.73
C11 V39 L . 12.75 -1.19 7.01
C12 V39 L . 13.78 -1.77 7.96
C13 V39 L . 13.47 -2.91 8.75
C14 V39 L . 14.47 -3.45 9.66
C15 V39 L . 15.75 -2.77 9.72
C16 V39 L . 15.97 -1.65 8.91
N17 V39 L . 14.99 -1.18 8.06
C18 V39 L . 17.34 -0.92 8.97
O19 V39 L . 17.61 -0.51 10.27
C CMO M . 1.48 8.96 -17.93
O CMO M . 2.45 9.38 -17.57
CHA HEM N . -0.14 8.06 -21.34
CHB HEM N . -1.86 11.31 -18.17
CHC HEM N . -0.57 8.45 -14.48
CHD HEM N . 1.58 5.40 -17.59
C1A HEM N . -0.71 9.20 -20.82
C2A HEM N . -1.23 10.33 -21.56
C3A HEM N . -1.71 11.22 -20.70
C4A HEM N . -1.51 10.70 -19.35
CMA HEM N . -2.36 12.58 -21.05
CAA HEM N . -1.25 10.49 -23.10
CBA HEM N . -2.25 9.50 -23.69
CGA HEM N . -2.34 9.67 -25.19
O1A HEM N . -1.90 10.74 -25.70
O2A HEM N . -2.85 8.75 -25.87
C1B HEM N . -1.70 10.81 -16.91
C2B HEM N . -2.19 11.41 -15.69
C3B HEM N . -1.85 10.65 -14.66
C4B HEM N . -1.11 9.49 -15.19
CMB HEM N . -2.99 12.74 -15.59
CAB HEM N . -2.21 10.97 -13.18
CBB HEM N . -2.01 10.12 -12.17
C1C HEM N . 0.21 7.42 -14.99
C2C HEM N . 1.02 6.51 -14.22
C3C HEM N . 1.62 5.66 -15.08
C4C HEM N . 1.20 6.03 -16.42
CMC HEM N . 1.13 6.55 -12.67
CAC HEM N . 2.59 4.48 -14.82
CBC HEM N . 3.01 4.09 -13.60
C1D HEM N . 1.36 5.85 -18.87
C2D HEM N . 1.93 5.25 -20.07
C3D HEM N . 1.38 6.09 -21.23
C4D HEM N . 0.55 7.10 -20.63
CMD HEM N . 2.87 4.03 -20.13
CAD HEM N . 1.67 5.89 -22.72
CBD HEM N . 3.17 6.16 -22.94
CGD HEM N . 3.54 5.91 -24.37
O1D HEM N . 2.84 6.44 -25.28
O2D HEM N . 4.53 5.18 -24.60
NA HEM N . -0.90 9.46 -19.47
NB HEM N . -1.05 9.64 -16.56
NC HEM N . 0.34 7.10 -16.32
ND HEM N . 0.56 6.92 -19.25
FE HEM N . -0.27 8.24 -17.93
#